data_7N5Q
#
_entry.id   7N5Q
#
_cell.length_a   46.410
_cell.length_b   61.770
_cell.length_c   71.680
_cell.angle_alpha   111.330
_cell.angle_beta   91.190
_cell.angle_gamma   91.770
#
_symmetry.space_group_name_H-M   'P 1'
#
loop_
_entity.id
_entity.type
_entity.pdbx_description
1 polymer 'H-2 class I histocompatibility antigen, D-B alpha chain'
2 polymer Beta-2-microglobulin
3 polymer 'peptide from Polymerase acidic protein'
4 non-polymer 'SODIUM ION'
5 non-polymer 'ACETATE ION'
6 water water
#
loop_
_entity_poly.entity_id
_entity_poly.type
_entity_poly.pdbx_seq_one_letter_code
_entity_poly.pdbx_strand_id
1 'polypeptide(L)'
;MGPHSMRYFETAVSRPGLEEPRYISVGYVDNKEFVRFDSDAENPRYEPRAPWMEQEGPEYWERETQKAKGQEQWFRVSLR
NLLGYYNQSAGGSHTLQQMSGCDLGSDWRLLRGYLQFAYEGRDYIALNEDLKTWTAADMAAQITRRKWEQSGAAEHYKAY
LEGECVEWLHRYLKNGNATLLRTDSPKAHVTHHPRSKGEVTLRCWALGFYPADITLTWQLNGEELTQDMELVETRPAGDG
TFQKWASVVVPLGKEQNYTCRVYHEGLPEPLTLRWEPPSTD
;
A,F
2 'polypeptide(L)'
;MIQRTPKIQVYSRHPAENGKSNFLNCYVSGFHPSDIEVDLLKNGERIEKVEHSDLSFSKDWSFYLLYYTEFTPTEKDEYA
CRVNHVTLSQPKIVKWDRDM
;
B,G
3 'polypeptide(L)' SSLCNFRAYV C,H
#
loop_
_chem_comp.id
_chem_comp.type
_chem_comp.name
_chem_comp.formula
ACT non-polymer 'ACETATE ION' 'C2 H3 O2 -1'
NA non-polymer 'SODIUM ION' 'Na 1'
#
# COMPACT_ATOMS: atom_id res chain seq x y z
N MET A 1 1.70 -11.25 10.54
CA MET A 1 0.35 -10.75 10.26
C MET A 1 0.18 -10.37 8.81
N GLY A 2 -1.08 -10.34 8.36
CA GLY A 2 -1.45 -9.89 7.02
C GLY A 2 -0.97 -10.81 5.94
N PRO A 3 -0.94 -10.34 4.67
CA PRO A 3 -0.52 -11.23 3.58
C PRO A 3 0.95 -11.59 3.69
N HIS A 4 1.32 -12.78 3.21
CA HIS A 4 2.71 -13.21 3.18
C HIS A 4 3.39 -12.35 2.09
N SER A 5 4.70 -12.15 2.22
CA SER A 5 5.41 -11.31 1.26
C SER A 5 6.82 -11.77 1.08
N MET A 6 7.42 -11.38 -0.06
CA MET A 6 8.82 -11.59 -0.30
C MET A 6 9.35 -10.27 -0.80
N ARG A 7 10.58 -9.92 -0.39
CA ARG A 7 11.19 -8.68 -0.89
C ARG A 7 12.65 -8.92 -1.07
N TYR A 8 13.27 -8.25 -2.03
CA TYR A 8 14.72 -8.21 -2.18
C TYR A 8 15.08 -6.71 -2.17
N PHE A 9 15.96 -6.33 -1.23
CA PHE A 9 16.41 -4.94 -1.02
C PHE A 9 17.86 -4.93 -1.47
N GLU A 10 18.11 -4.18 -2.54
CA GLU A 10 19.43 -4.14 -3.18
C GLU A 10 20.02 -2.76 -3.12
N THR A 11 21.34 -2.69 -2.89
CA THR A 11 22.08 -1.43 -2.81
C THR A 11 23.37 -1.56 -3.57
N ALA A 12 23.77 -0.48 -4.28
CA ALA A 12 25.11 -0.43 -4.86
C ALA A 12 25.66 0.89 -4.41
N VAL A 13 26.85 0.91 -3.79
CA VAL A 13 27.45 2.17 -3.31
C VAL A 13 28.80 2.38 -3.99
N SER A 14 28.95 3.50 -4.73
CA SER A 14 30.23 3.82 -5.37
C SER A 14 31.04 4.51 -4.30
N ARG A 15 32.37 4.41 -4.38
N ARG A 15 32.38 4.33 -4.33
CA ARG A 15 33.25 4.95 -3.36
CA ARG A 15 33.27 4.87 -3.30
C ARG A 15 34.54 5.53 -3.94
C ARG A 15 34.58 5.47 -3.88
N PRO A 16 35.17 6.48 -3.22
CA PRO A 16 36.42 7.11 -3.74
C PRO A 16 37.59 6.17 -4.03
N GLU A 19 38.68 1.15 -6.40
CA GLU A 19 37.59 0.36 -5.81
C GLU A 19 36.27 0.54 -6.56
N GLU A 20 35.68 -0.59 -7.00
CA GLU A 20 34.40 -0.69 -7.71
C GLU A 20 33.24 -0.58 -6.69
N PRO A 21 31.97 -0.35 -7.11
CA PRO A 21 30.89 -0.22 -6.11
C PRO A 21 30.68 -1.44 -5.22
N ARG A 22 30.18 -1.21 -4.02
CA ARG A 22 29.88 -2.34 -3.13
C ARG A 22 28.44 -2.67 -3.48
N TYR A 23 28.13 -3.94 -3.74
CA TYR A 23 26.76 -4.36 -4.02
C TYR A 23 26.27 -5.31 -2.90
N ILE A 24 25.09 -5.00 -2.35
CA ILE A 24 24.50 -5.79 -1.26
C ILE A 24 23.10 -6.13 -1.67
N SER A 25 22.75 -7.40 -1.56
CA SER A 25 21.37 -7.83 -1.83
C SER A 25 20.89 -8.61 -0.62
N VAL A 26 19.72 -8.23 -0.08
CA VAL A 26 19.15 -8.89 1.09
C VAL A 26 17.73 -9.31 0.74
N GLY A 27 17.43 -10.61 0.93
CA GLY A 27 16.09 -11.11 0.69
C GLY A 27 15.36 -11.26 2.01
N TYR A 28 14.07 -11.03 2.00
CA TYR A 28 13.14 -11.16 3.11
C TYR A 28 11.91 -12.00 2.75
N VAL A 29 11.46 -12.84 3.70
CA VAL A 29 10.18 -13.54 3.59
C VAL A 29 9.42 -13.11 4.85
N ASP A 30 8.20 -12.54 4.71
CA ASP A 30 7.43 -12.06 5.87
C ASP A 30 8.24 -11.13 6.77
N ASN A 31 9.04 -10.19 6.15
CA ASN A 31 9.85 -9.21 6.87
C ASN A 31 11.02 -9.78 7.65
N LYS A 32 11.34 -11.04 7.44
CA LYS A 32 12.47 -11.67 8.11
C LYS A 32 13.56 -11.92 7.07
N GLU A 33 14.77 -11.46 7.34
CA GLU A 33 15.89 -11.68 6.40
C GLU A 33 16.13 -13.18 6.20
N PHE A 34 16.22 -13.66 4.94
CA PHE A 34 16.40 -15.12 4.76
C PHE A 34 17.62 -15.48 3.88
N VAL A 35 18.12 -14.50 3.09
CA VAL A 35 19.28 -14.66 2.21
C VAL A 35 20.02 -13.33 2.12
N ARG A 36 21.31 -13.38 1.83
N ARG A 36 21.33 -13.36 1.87
CA ARG A 36 22.13 -12.18 1.73
CA ARG A 36 22.13 -12.14 1.73
C ARG A 36 23.34 -12.41 0.85
C ARG A 36 23.34 -12.40 0.85
N PHE A 37 23.65 -11.42 -0.02
CA PHE A 37 24.83 -11.39 -0.88
C PHE A 37 25.54 -10.08 -0.61
N ASP A 38 26.87 -10.11 -0.43
CA ASP A 38 27.62 -8.85 -0.25
C ASP A 38 28.89 -8.98 -1.04
N SER A 39 29.14 -8.05 -1.97
CA SER A 39 30.32 -8.06 -2.87
C SER A 39 31.62 -7.84 -2.10
N ASP A 40 31.54 -7.26 -0.89
CA ASP A 40 32.72 -6.99 -0.05
C ASP A 40 33.18 -8.19 0.81
N ALA A 41 32.42 -9.29 0.80
CA ALA A 41 32.78 -10.52 1.55
C ALA A 41 34.01 -11.18 0.87
N GLU A 42 34.79 -11.99 1.61
CA GLU A 42 35.96 -12.70 1.06
C GLU A 42 35.58 -13.59 -0.13
N ASN A 43 34.53 -14.42 0.02
CA ASN A 43 34.00 -15.26 -1.07
C ASN A 43 32.55 -14.84 -1.34
N PRO A 44 32.33 -13.81 -2.19
CA PRO A 44 30.96 -13.31 -2.39
C PRO A 44 29.99 -14.35 -2.97
N ARG A 45 28.96 -14.65 -2.17
CA ARG A 45 27.94 -15.61 -2.58
C ARG A 45 26.68 -15.33 -1.82
N TYR A 46 25.54 -15.78 -2.35
CA TYR A 46 24.31 -15.68 -1.59
C TYR A 46 24.44 -16.71 -0.48
N GLU A 47 24.05 -16.34 0.74
CA GLU A 47 24.16 -17.23 1.89
C GLU A 47 22.83 -17.29 2.58
N PRO A 48 22.50 -18.45 3.20
CA PRO A 48 21.28 -18.53 3.99
C PRO A 48 21.39 -17.67 5.26
N ARG A 49 20.37 -16.87 5.52
CA ARG A 49 20.31 -16.04 6.73
C ARG A 49 19.26 -16.55 7.71
N ALA A 50 18.35 -17.38 7.22
CA ALA A 50 17.36 -18.10 8.01
C ALA A 50 17.83 -19.57 7.89
N PRO A 51 17.99 -20.28 9.01
CA PRO A 51 18.47 -21.68 8.92
C PRO A 51 17.62 -22.64 8.10
N TRP A 52 16.28 -22.44 8.01
CA TRP A 52 15.39 -23.28 7.20
C TRP A 52 15.73 -23.22 5.70
N MET A 53 16.46 -22.19 5.27
CA MET A 53 16.90 -22.11 3.87
C MET A 53 17.96 -23.16 3.52
N GLU A 54 18.53 -23.84 4.54
CA GLU A 54 19.50 -24.90 4.30
C GLU A 54 18.84 -26.17 3.76
N GLN A 55 17.50 -26.18 3.62
CA GLN A 55 16.78 -27.29 2.99
C GLN A 55 17.11 -27.28 1.47
N GLU A 56 17.56 -26.11 0.96
CA GLU A 56 17.94 -25.95 -0.45
C GLU A 56 19.27 -26.67 -0.71
N GLY A 57 19.44 -27.16 -1.93
CA GLY A 57 20.67 -27.84 -2.30
C GLY A 57 21.73 -26.87 -2.77
N PRO A 58 22.96 -27.36 -3.05
CA PRO A 58 24.05 -26.45 -3.47
C PRO A 58 23.82 -25.71 -4.80
N GLU A 59 22.97 -26.25 -5.68
CA GLU A 59 22.64 -25.69 -6.99
C GLU A 59 21.88 -24.37 -6.81
N TYR A 60 21.02 -24.31 -5.80
CA TYR A 60 20.26 -23.08 -5.53
C TYR A 60 21.25 -21.91 -5.23
N TRP A 61 22.20 -22.12 -4.31
CA TRP A 61 23.16 -21.08 -3.95
C TRP A 61 24.02 -20.64 -5.10
N GLU A 62 24.41 -21.59 -5.95
CA GLU A 62 25.24 -21.25 -7.12
C GLU A 62 24.46 -20.43 -8.11
N ARG A 63 23.19 -20.79 -8.38
CA ARG A 63 22.33 -20.08 -9.33
C ARG A 63 22.05 -18.64 -8.80
N GLU A 64 21.72 -18.54 -7.51
CA GLU A 64 21.47 -17.21 -6.91
C GLU A 64 22.71 -16.35 -6.97
N THR A 65 23.91 -16.94 -6.69
CA THR A 65 25.18 -16.22 -6.76
C THR A 65 25.44 -15.65 -8.17
N GLN A 66 25.25 -16.48 -9.22
CA GLN A 66 25.43 -16.07 -10.62
C GLN A 66 24.49 -14.92 -10.93
N LYS A 67 23.22 -14.96 -10.45
CA LYS A 67 22.28 -13.86 -10.66
C LYS A 67 22.76 -12.57 -10.00
N ALA A 68 23.31 -12.66 -8.77
CA ALA A 68 23.87 -11.51 -8.05
C ALA A 68 25.01 -10.91 -8.83
N LYS A 69 25.83 -11.74 -9.50
CA LYS A 69 26.94 -11.24 -10.33
C LYS A 69 26.41 -10.39 -11.50
N GLY A 70 25.28 -10.80 -12.10
CA GLY A 70 24.59 -10.04 -13.16
C GLY A 70 24.08 -8.71 -12.60
N GLN A 71 23.41 -8.77 -11.42
CA GLN A 71 22.86 -7.57 -10.77
C GLN A 71 23.96 -6.56 -10.42
N GLU A 72 25.06 -7.07 -9.90
CA GLU A 72 26.21 -6.24 -9.57
C GLU A 72 26.63 -5.43 -10.80
N GLN A 73 26.74 -6.09 -11.96
CA GLN A 73 27.11 -5.40 -13.21
C GLN A 73 26.03 -4.39 -13.65
N TRP A 74 24.74 -4.77 -13.50
CA TRP A 74 23.63 -3.87 -13.87
C TRP A 74 23.71 -2.58 -13.05
N PHE A 75 23.93 -2.71 -11.71
CA PHE A 75 24.02 -1.53 -10.82
C PHE A 75 25.26 -0.71 -11.14
N ARG A 76 26.35 -1.38 -11.54
CA ARG A 76 27.59 -0.68 -11.88
C ARG A 76 27.39 0.19 -13.12
N VAL A 77 26.75 -0.37 -14.15
CA VAL A 77 26.47 0.38 -15.38
C VAL A 77 25.50 1.51 -15.08
N SER A 78 24.45 1.21 -14.27
CA SER A 78 23.44 2.21 -13.92
C SER A 78 24.05 3.39 -13.15
N LEU A 79 24.98 3.13 -12.21
CA LEU A 79 25.62 4.23 -11.46
C LEU A 79 26.41 5.12 -12.44
N ARG A 80 27.07 4.50 -13.41
CA ARG A 80 27.82 5.21 -14.45
C ARG A 80 26.90 6.09 -15.29
N ASN A 81 25.71 5.60 -15.69
CA ASN A 81 24.73 6.40 -16.44
C ASN A 81 24.22 7.54 -15.62
N LEU A 82 24.00 7.30 -14.31
CA LEU A 82 23.55 8.31 -13.38
C LEU A 82 24.57 9.45 -13.22
N LEU A 83 25.89 9.17 -13.32
CA LEU A 83 26.87 10.28 -13.27
C LEU A 83 26.65 11.23 -14.45
N GLY A 84 26.46 10.64 -15.64
CA GLY A 84 26.20 11.36 -16.89
C GLY A 84 24.92 12.18 -16.84
N TYR A 85 23.84 11.61 -16.27
CA TYR A 85 22.55 12.33 -16.15
C TYR A 85 22.65 13.62 -15.33
N TYR A 86 23.50 13.62 -14.29
CA TYR A 86 23.66 14.78 -13.43
C TYR A 86 24.97 15.58 -13.78
N ASN A 87 25.52 15.36 -15.02
CA ASN A 87 26.73 15.99 -15.61
C ASN A 87 27.94 15.95 -14.70
N GLN A 88 28.15 14.78 -14.09
CA GLN A 88 29.25 14.59 -13.16
C GLN A 88 30.24 13.59 -13.71
N SER A 89 31.50 13.78 -13.31
CA SER A 89 32.56 12.82 -13.63
C SER A 89 32.65 11.95 -12.36
N ALA A 90 33.30 10.79 -12.47
CA ALA A 90 33.46 9.84 -11.37
C ALA A 90 34.15 10.48 -10.16
N GLY A 91 33.71 10.11 -8.95
CA GLY A 91 34.26 10.62 -7.70
C GLY A 91 33.24 10.66 -6.57
N GLY A 92 33.73 10.67 -5.35
CA GLY A 92 32.89 10.69 -4.16
C GLY A 92 32.10 9.41 -3.99
N SER A 93 30.94 9.52 -3.36
CA SER A 93 30.10 8.37 -3.09
C SER A 93 28.68 8.60 -3.56
N HIS A 94 28.12 7.57 -4.21
CA HIS A 94 26.77 7.65 -4.76
C HIS A 94 26.04 6.38 -4.38
N THR A 95 24.72 6.46 -4.13
CA THR A 95 23.99 5.25 -3.70
C THR A 95 22.79 5.00 -4.59
N LEU A 96 22.71 3.79 -5.16
CA LEU A 96 21.56 3.41 -5.96
C LEU A 96 20.90 2.23 -5.21
N GLN A 97 19.60 2.36 -4.92
CA GLN A 97 18.90 1.28 -4.20
C GLN A 97 17.69 0.81 -5.00
N GLN A 98 17.29 -0.43 -4.76
CA GLN A 98 16.13 -1.05 -5.36
C GLN A 98 15.37 -1.90 -4.34
N MET A 99 14.05 -1.82 -4.36
CA MET A 99 13.18 -2.74 -3.58
C MET A 99 12.27 -3.44 -4.57
N SER A 100 12.14 -4.78 -4.46
CA SER A 100 11.24 -5.47 -5.37
C SER A 100 10.65 -6.61 -4.61
N GLY A 101 9.51 -7.09 -5.08
CA GLY A 101 8.92 -8.27 -4.47
C GLY A 101 7.43 -8.33 -4.61
N CYS A 102 6.82 -9.19 -3.80
CA CYS A 102 5.41 -9.46 -3.94
C CYS A 102 4.71 -9.66 -2.64
N ASP A 103 3.39 -9.37 -2.63
CA ASP A 103 2.50 -9.70 -1.51
C ASP A 103 1.65 -10.80 -2.10
N LEU A 104 1.37 -11.84 -1.30
CA LEU A 104 0.62 -13.02 -1.74
C LEU A 104 -0.86 -12.86 -1.44
N GLY A 105 -1.69 -13.07 -2.45
CA GLY A 105 -3.13 -12.96 -2.34
C GLY A 105 -3.74 -14.23 -1.75
N SER A 106 -5.04 -14.18 -1.47
CA SER A 106 -5.76 -15.29 -0.84
C SER A 106 -5.99 -16.46 -1.79
N ASP A 107 -5.74 -16.26 -3.10
CA ASP A 107 -5.77 -17.26 -4.15
C ASP A 107 -4.35 -17.77 -4.46
N TRP A 108 -3.37 -17.37 -3.61
CA TRP A 108 -1.96 -17.69 -3.75
C TRP A 108 -1.34 -17.12 -5.05
N ARG A 109 -1.97 -16.10 -5.63
CA ARG A 109 -1.42 -15.42 -6.80
C ARG A 109 -0.98 -14.05 -6.33
N LEU A 110 -0.37 -13.27 -7.24
CA LEU A 110 0.06 -11.94 -6.81
C LEU A 110 -1.06 -11.03 -6.33
N LEU A 111 -0.88 -10.43 -5.16
CA LEU A 111 -1.84 -9.44 -4.64
C LEU A 111 -1.35 -8.06 -5.08
N ARG A 112 -0.07 -7.80 -4.79
CA ARG A 112 0.58 -6.53 -5.14
C ARG A 112 2.02 -6.81 -5.46
N GLY A 113 2.48 -6.20 -6.55
CA GLY A 113 3.87 -6.30 -7.01
C GLY A 113 4.57 -4.99 -6.77
N TYR A 114 5.88 -5.06 -6.49
CA TYR A 114 6.66 -3.85 -6.15
C TYR A 114 7.93 -3.82 -6.91
N LEU A 115 8.26 -2.64 -7.44
CA LEU A 115 9.55 -2.42 -8.05
C LEU A 115 9.79 -0.92 -7.94
N GLN A 116 10.75 -0.54 -7.09
CA GLN A 116 10.99 0.90 -6.78
C GLN A 116 12.52 1.10 -6.78
N PHE A 117 12.96 2.29 -7.15
CA PHE A 117 14.39 2.66 -7.15
C PHE A 117 14.60 3.98 -6.45
N ALA A 118 15.78 4.15 -5.80
CA ALA A 118 16.12 5.45 -5.21
C ALA A 118 17.54 5.75 -5.57
N TYR A 119 17.85 7.03 -5.76
CA TYR A 119 19.21 7.45 -6.02
C TYR A 119 19.49 8.58 -5.02
N GLU A 120 20.58 8.46 -4.25
CA GLU A 120 20.96 9.46 -3.22
C GLU A 120 19.88 9.68 -2.16
N GLY A 121 19.19 8.60 -1.82
CA GLY A 121 18.14 8.58 -0.79
C GLY A 121 16.82 9.20 -1.18
N ARG A 122 16.63 9.46 -2.49
CA ARG A 122 15.43 10.11 -2.99
C ARG A 122 14.71 9.13 -3.93
N ASP A 123 13.35 9.02 -3.84
CA ASP A 123 12.60 8.22 -4.83
C ASP A 123 13.02 8.64 -6.26
N TYR A 124 13.31 7.66 -7.13
CA TYR A 124 13.80 7.91 -8.49
C TYR A 124 12.79 7.48 -9.53
N ILE A 125 12.49 6.17 -9.59
CA ILE A 125 11.46 5.69 -10.50
C ILE A 125 10.81 4.45 -9.84
N ALA A 126 9.55 4.20 -10.18
CA ALA A 126 8.84 3.03 -9.68
C ALA A 126 7.91 2.53 -10.73
N LEU A 127 7.68 1.23 -10.67
CA LEU A 127 6.68 0.56 -11.51
C LEU A 127 5.34 0.79 -10.81
N ASN A 128 4.33 1.17 -11.59
CA ASN A 128 3.00 1.41 -11.05
C ASN A 128 2.28 0.10 -10.70
N GLU A 129 1.18 0.19 -9.93
CA GLU A 129 0.39 -0.97 -9.48
C GLU A 129 -0.06 -1.88 -10.62
N ASP A 130 -0.32 -1.30 -11.80
CA ASP A 130 -0.74 -2.01 -13.01
C ASP A 130 0.38 -2.90 -13.56
N LEU A 131 1.63 -2.71 -13.10
CA LEU A 131 2.82 -3.45 -13.54
C LEU A 131 3.05 -3.25 -15.04
N LYS A 132 2.55 -2.10 -15.58
CA LYS A 132 2.64 -1.80 -17.00
C LYS A 132 3.24 -0.45 -17.27
N THR A 133 3.11 0.48 -16.31
CA THR A 133 3.56 1.86 -16.50
C THR A 133 4.53 2.26 -15.40
N TRP A 134 5.23 3.39 -15.59
CA TRP A 134 6.24 3.87 -14.64
C TRP A 134 5.93 5.27 -14.18
N THR A 135 6.42 5.61 -12.98
CA THR A 135 6.32 6.97 -12.51
C THR A 135 7.72 7.39 -12.16
N ALA A 136 8.18 8.48 -12.81
CA ALA A 136 9.52 9.04 -12.62
C ALA A 136 9.42 10.25 -11.73
N ALA A 137 10.38 10.42 -10.81
CA ALA A 137 10.31 11.48 -9.80
C ALA A 137 11.05 12.77 -10.13
N ASP A 138 11.99 12.73 -11.05
CA ASP A 138 12.74 13.91 -11.47
C ASP A 138 13.11 13.82 -12.92
N MET A 139 13.91 14.80 -13.41
CA MET A 139 14.27 14.89 -14.80
C MET A 139 15.18 13.76 -15.28
N ALA A 140 16.17 13.37 -14.47
CA ALA A 140 17.02 12.24 -14.83
C ALA A 140 16.15 10.97 -14.94
N ALA A 141 15.21 10.79 -14.00
CA ALA A 141 14.32 9.62 -14.01
C ALA A 141 13.43 9.60 -15.25
N GLN A 142 13.06 10.77 -15.80
CA GLN A 142 12.26 10.85 -17.05
C GLN A 142 13.02 10.17 -18.24
N ILE A 143 14.39 10.26 -18.26
CA ILE A 143 15.24 9.64 -19.28
C ILE A 143 15.14 8.11 -19.14
N THR A 144 15.32 7.60 -17.91
CA THR A 144 15.16 6.18 -17.62
C THR A 144 13.74 5.74 -18.01
N ARG A 145 12.72 6.53 -17.62
CA ARG A 145 11.32 6.20 -17.92
C ARG A 145 11.09 6.01 -19.42
N ARG A 146 11.49 6.99 -20.24
CA ARG A 146 11.33 6.88 -21.70
C ARG A 146 12.09 5.66 -22.23
N LYS A 147 13.32 5.40 -21.74
CA LYS A 147 14.09 4.23 -22.19
C LYS A 147 13.33 2.92 -21.86
N TRP A 148 12.87 2.80 -20.62
CA TRP A 148 12.17 1.59 -20.17
C TRP A 148 10.82 1.42 -20.89
N GLU A 149 10.09 2.51 -21.10
CA GLU A 149 8.82 2.43 -21.87
C GLU A 149 9.07 1.98 -23.32
N GLN A 150 10.11 2.51 -23.97
CA GLN A 150 10.42 2.20 -25.35
C GLN A 150 11.00 0.82 -25.57
N SER A 151 11.56 0.20 -24.51
CA SER A 151 12.24 -1.09 -24.63
C SER A 151 11.45 -2.27 -24.06
N GLY A 152 10.28 -2.01 -23.48
CA GLY A 152 9.40 -3.05 -22.95
C GLY A 152 9.84 -3.66 -21.63
N ALA A 153 10.53 -2.83 -20.81
CA ALA A 153 11.06 -3.26 -19.50
C ALA A 153 9.97 -3.74 -18.57
N ALA A 154 8.82 -3.03 -18.52
CA ALA A 154 7.75 -3.40 -17.58
C ALA A 154 7.27 -4.83 -17.74
N GLU A 155 7.22 -5.37 -19.00
CA GLU A 155 6.76 -6.75 -19.22
C GLU A 155 7.69 -7.77 -18.54
N HIS A 156 8.98 -7.49 -18.58
CA HIS A 156 10.02 -8.34 -17.95
C HIS A 156 9.78 -8.40 -16.42
N TYR A 157 9.60 -7.22 -15.77
CA TYR A 157 9.36 -7.18 -14.33
C TYR A 157 8.01 -7.78 -13.94
N LYS A 158 6.97 -7.47 -14.70
CA LYS A 158 5.62 -8.03 -14.46
C LYS A 158 5.68 -9.56 -14.49
N ALA A 159 6.42 -10.13 -15.48
CA ALA A 159 6.52 -11.61 -15.61
C ALA A 159 7.19 -12.22 -14.37
N TYR A 160 8.21 -11.55 -13.83
CA TYR A 160 8.87 -12.00 -12.61
C TYR A 160 7.89 -11.91 -11.43
N LEU A 161 7.25 -10.72 -11.24
CA LEU A 161 6.39 -10.49 -10.07
C LEU A 161 5.19 -11.42 -9.98
N GLU A 162 4.55 -11.63 -11.12
CA GLU A 162 3.35 -12.45 -11.20
C GLU A 162 3.67 -13.94 -11.22
N GLY A 163 4.91 -14.28 -11.60
CA GLY A 163 5.29 -15.68 -11.80
C GLY A 163 6.26 -16.21 -10.77
N GLU A 164 7.54 -16.18 -11.15
CA GLU A 164 8.65 -16.64 -10.34
C GLU A 164 8.59 -16.16 -8.89
N CYS A 165 8.37 -14.88 -8.66
CA CYS A 165 8.36 -14.31 -7.30
C CYS A 165 7.34 -15.03 -6.38
N VAL A 166 6.09 -15.18 -6.88
CA VAL A 166 5.02 -15.81 -6.13
C VAL A 166 5.22 -17.35 -6.00
N GLU A 167 5.76 -18.00 -7.03
CA GLU A 167 6.03 -19.43 -7.04
C GLU A 167 7.08 -19.79 -5.97
N TRP A 168 8.19 -19.03 -5.93
CA TRP A 168 9.25 -19.29 -4.94
C TRP A 168 8.85 -18.89 -3.52
N LEU A 169 8.06 -17.81 -3.36
CA LEU A 169 7.54 -17.41 -2.06
C LEU A 169 6.75 -18.60 -1.50
N HIS A 170 5.86 -19.22 -2.30
N HIS A 170 5.89 -19.25 -2.32
CA HIS A 170 5.08 -20.38 -1.81
CA HIS A 170 5.14 -20.43 -1.87
C HIS A 170 6.00 -21.51 -1.33
C HIS A 170 6.02 -21.51 -1.33
N ARG A 171 7.09 -21.81 -2.06
CA ARG A 171 8.09 -22.81 -1.70
C ARG A 171 8.75 -22.49 -0.35
N TYR A 172 9.14 -21.22 -0.17
CA TYR A 172 9.77 -20.77 1.08
C TYR A 172 8.86 -20.86 2.26
N LEU A 173 7.57 -20.49 2.06
CA LEU A 173 6.56 -20.55 3.12
C LEU A 173 6.36 -21.99 3.55
N LYS A 174 6.40 -22.93 2.58
CA LYS A 174 6.24 -24.36 2.88
C LYS A 174 7.45 -24.88 3.67
N ASN A 175 8.66 -24.62 3.15
CA ASN A 175 9.90 -25.02 3.80
C ASN A 175 10.15 -24.36 5.18
N GLY A 176 9.81 -23.09 5.31
CA GLY A 176 10.06 -22.41 6.56
C GLY A 176 8.91 -22.39 7.54
N ASN A 177 7.79 -23.03 7.18
CA ASN A 177 6.53 -23.06 7.92
C ASN A 177 6.68 -23.07 9.44
N ALA A 178 7.35 -24.11 10.00
CA ALA A 178 7.64 -24.31 11.43
C ALA A 178 8.18 -23.05 12.09
N THR A 179 9.33 -22.54 11.60
CA THR A 179 10.00 -21.32 12.06
C THR A 179 9.17 -20.04 11.80
N LEU A 180 8.59 -19.88 10.60
CA LEU A 180 7.83 -18.69 10.20
C LEU A 180 6.57 -18.40 11.02
N LEU A 181 5.91 -19.43 11.51
CA LEU A 181 4.72 -19.28 12.34
C LEU A 181 5.15 -18.91 13.79
N ARG A 182 6.45 -19.10 14.13
CA ARG A 182 6.94 -18.88 15.49
C ARG A 182 6.84 -17.43 15.92
N THR A 183 6.40 -17.26 17.15
CA THR A 183 6.27 -15.95 17.76
C THR A 183 6.89 -16.00 19.15
N ASP A 184 7.39 -14.87 19.62
CA ASP A 184 7.95 -14.74 20.97
C ASP A 184 7.12 -13.65 21.59
N SER A 185 6.32 -14.01 22.60
N SER A 185 6.32 -14.01 22.61
CA SER A 185 5.43 -13.07 23.28
CA SER A 185 5.45 -13.03 23.26
C SER A 185 6.26 -12.04 24.06
C SER A 185 6.30 -12.01 24.02
N PRO A 186 5.85 -10.75 24.09
CA PRO A 186 6.64 -9.77 24.88
C PRO A 186 6.47 -10.11 26.35
N LYS A 187 7.54 -9.92 27.11
CA LYS A 187 7.49 -9.99 28.56
C LYS A 187 7.34 -8.51 28.94
N ALA A 188 6.28 -8.17 29.66
CA ALA A 188 6.03 -6.77 29.97
C ALA A 188 6.08 -6.45 31.43
N HIS A 189 6.52 -5.23 31.73
CA HIS A 189 6.58 -4.73 33.11
C HIS A 189 6.58 -3.25 33.14
N VAL A 190 6.19 -2.66 34.30
CA VAL A 190 6.14 -1.21 34.48
C VAL A 190 7.21 -0.78 35.52
N THR A 191 7.97 0.25 35.19
CA THR A 191 8.96 0.79 36.09
C THR A 191 8.53 2.22 36.44
N HIS A 192 9.07 2.71 37.56
CA HIS A 192 8.71 3.99 38.19
C HIS A 192 10.00 4.80 38.35
N HIS A 193 10.02 6.06 37.90
CA HIS A 193 11.26 6.83 37.95
C HIS A 193 10.99 8.19 38.46
N PRO A 194 11.97 8.77 39.20
CA PRO A 194 11.81 10.15 39.68
C PRO A 194 12.06 11.15 38.58
N ARG A 195 11.46 12.33 38.76
CA ARG A 195 11.57 13.47 37.86
C ARG A 195 12.20 14.67 38.65
N SER A 196 11.80 15.89 38.31
N SER A 196 11.81 15.90 38.33
CA SER A 196 12.30 17.15 38.87
CA SER A 196 12.39 17.09 38.96
C SER A 196 11.66 17.58 40.20
C SER A 196 11.67 17.60 40.24
N LYS A 197 10.35 17.39 40.38
CA LYS A 197 9.67 17.92 41.59
C LYS A 197 8.89 16.94 42.46
N GLY A 198 9.04 15.66 42.21
CA GLY A 198 8.28 14.68 42.97
C GLY A 198 7.30 13.91 42.10
N GLU A 199 7.03 14.38 40.84
CA GLU A 199 6.14 13.64 39.90
C GLU A 199 6.83 12.39 39.47
N VAL A 200 6.09 11.48 38.84
CA VAL A 200 6.65 10.18 38.50
C VAL A 200 6.54 9.84 37.01
N THR A 201 7.60 9.21 36.47
CA THR A 201 7.55 8.69 35.11
C THR A 201 7.20 7.22 35.23
N LEU A 202 6.11 6.77 34.59
CA LEU A 202 5.79 5.34 34.53
C LEU A 202 6.22 4.86 33.14
N ARG A 203 7.05 3.82 33.07
CA ARG A 203 7.53 3.33 31.79
C ARG A 203 7.08 1.90 31.63
N CYS A 204 6.33 1.64 30.57
CA CYS A 204 5.83 0.31 30.25
C CYS A 204 6.78 -0.31 29.24
N TRP A 205 7.44 -1.41 29.61
CA TRP A 205 8.42 -2.12 28.81
C TRP A 205 7.83 -3.37 28.16
N ALA A 206 8.10 -3.59 26.87
CA ALA A 206 7.76 -4.84 26.21
C ALA A 206 9.10 -5.37 25.72
N LEU A 207 9.52 -6.55 26.23
CA LEU A 207 10.84 -7.06 25.92
C LEU A 207 10.83 -8.45 25.38
N GLY A 208 11.81 -8.76 24.56
CA GLY A 208 12.03 -10.10 24.01
C GLY A 208 10.94 -10.60 23.09
N PHE A 209 10.33 -9.69 22.34
CA PHE A 209 9.24 -10.12 21.45
C PHE A 209 9.66 -10.34 19.98
N TYR A 210 8.88 -11.18 19.29
CA TYR A 210 9.13 -11.47 17.89
C TYR A 210 7.80 -11.89 17.23
N PRO A 211 7.39 -11.32 16.08
CA PRO A 211 8.06 -10.31 15.24
C PRO A 211 8.08 -8.93 15.88
N ALA A 212 8.69 -7.97 15.19
CA ALA A 212 8.85 -6.61 15.71
C ALA A 212 7.56 -5.80 15.82
N ASP A 213 6.52 -6.18 15.07
CA ASP A 213 5.26 -5.42 15.10
C ASP A 213 4.61 -5.51 16.51
N ILE A 214 4.27 -4.37 17.08
CA ILE A 214 3.70 -4.34 18.45
C ILE A 214 2.94 -3.07 18.62
N THR A 215 1.98 -3.04 19.58
CA THR A 215 1.26 -1.83 19.92
C THR A 215 1.32 -1.70 21.44
N LEU A 216 1.77 -0.53 21.92
CA LEU A 216 1.87 -0.19 23.34
C LEU A 216 0.95 0.98 23.55
N THR A 217 0.12 0.91 24.57
CA THR A 217 -0.80 1.98 24.85
C THR A 217 -0.86 2.24 26.34
N TRP A 218 -1.23 3.45 26.73
CA TRP A 218 -1.43 3.84 28.12
C TRP A 218 -2.84 4.35 28.26
N GLN A 219 -3.45 4.08 29.42
CA GLN A 219 -4.80 4.54 29.75
C GLN A 219 -4.81 5.20 31.12
N LEU A 220 -5.70 6.17 31.31
CA LEU A 220 -5.94 6.84 32.59
C LEU A 220 -7.42 6.58 32.85
N ASN A 221 -7.71 5.66 33.79
CA ASN A 221 -9.08 5.25 34.12
C ASN A 221 -9.77 4.59 32.91
N GLY A 222 -9.02 3.73 32.20
CA GLY A 222 -9.51 3.01 31.03
C GLY A 222 -9.58 3.77 29.71
N GLU A 223 -9.39 5.09 29.75
CA GLU A 223 -9.42 5.94 28.55
C GLU A 223 -8.01 6.11 27.99
N GLU A 224 -7.83 5.89 26.67
CA GLU A 224 -6.56 6.00 25.95
C GLU A 224 -5.89 7.37 26.08
N LEU A 225 -4.58 7.37 26.37
CA LEU A 225 -3.78 8.57 26.46
C LEU A 225 -3.06 8.74 25.12
N THR A 226 -2.97 9.98 24.59
CA THR A 226 -2.38 10.18 23.28
C THR A 226 -1.09 11.03 23.29
N GLN A 227 -1.20 12.38 23.32
CA GLN A 227 -0.01 13.23 23.25
C GLN A 227 0.84 13.23 24.54
N ASP A 228 0.29 12.81 25.69
CA ASP A 228 1.09 12.76 26.92
C ASP A 228 2.07 11.53 26.95
N MET A 229 2.02 10.65 25.94
CA MET A 229 2.80 9.40 25.89
C MET A 229 4.11 9.51 25.11
N GLU A 230 5.25 9.17 25.77
CA GLU A 230 6.55 9.14 25.09
C GLU A 230 6.77 7.69 24.63
N LEU A 231 7.12 7.49 23.35
CA LEU A 231 7.38 6.14 22.83
C LEU A 231 8.78 6.13 22.25
N VAL A 232 9.52 5.02 22.39
CA VAL A 232 10.78 4.91 21.67
C VAL A 232 10.46 4.06 20.47
N GLU A 233 11.31 4.19 19.44
CA GLU A 233 11.21 3.35 18.26
C GLU A 233 11.59 1.91 18.64
N THR A 234 10.91 0.90 18.03
CA THR A 234 11.22 -0.51 18.32
C THR A 234 12.66 -0.77 17.97
N ARG A 235 13.34 -1.54 18.83
CA ARG A 235 14.76 -1.77 18.66
C ARG A 235 15.12 -3.23 18.87
N PRO A 236 16.20 -3.68 18.18
CA PRO A 236 16.62 -5.09 18.31
C PRO A 236 17.33 -5.34 19.65
N ALA A 237 17.02 -6.47 20.31
CA ALA A 237 17.66 -6.85 21.57
C ALA A 237 19.06 -7.43 21.31
N GLY A 238 19.30 -7.87 20.05
CA GLY A 238 20.57 -8.42 19.59
C GLY A 238 20.52 -9.93 19.50
N ASP A 239 19.47 -10.56 19.99
CA ASP A 239 19.34 -12.04 19.98
C ASP A 239 18.27 -12.48 18.97
N GLY A 240 17.84 -11.56 18.12
CA GLY A 240 16.78 -11.79 17.15
C GLY A 240 15.41 -11.35 17.61
N THR A 241 15.30 -10.89 18.88
CA THR A 241 14.04 -10.38 19.42
C THR A 241 14.09 -8.85 19.51
N PHE A 242 12.98 -8.24 19.90
CA PHE A 242 12.86 -6.79 19.93
C PHE A 242 12.41 -6.23 21.28
N GLN A 243 12.60 -4.91 21.44
CA GLN A 243 12.21 -4.17 22.61
C GLN A 243 11.49 -2.91 22.22
N LYS A 244 10.63 -2.43 23.12
CA LYS A 244 9.97 -1.14 22.98
C LYS A 244 9.48 -0.71 24.35
N TRP A 245 9.34 0.61 24.55
CA TRP A 245 8.73 1.16 25.73
C TRP A 245 7.89 2.37 25.41
N ALA A 246 6.95 2.67 26.31
CA ALA A 246 6.04 3.83 26.23
C ALA A 246 5.96 4.35 27.66
N SER A 247 6.10 5.66 27.84
CA SER A 247 6.05 6.21 29.18
C SER A 247 5.09 7.37 29.28
N VAL A 248 4.61 7.62 30.51
N VAL A 248 4.61 7.62 30.51
CA VAL A 248 3.70 8.69 30.88
CA VAL A 248 3.73 8.71 30.88
C VAL A 248 4.22 9.35 32.18
C VAL A 248 4.26 9.36 32.15
N VAL A 249 4.01 10.66 32.33
CA VAL A 249 4.42 11.41 33.52
C VAL A 249 3.12 11.54 34.32
N VAL A 250 3.11 11.02 35.55
CA VAL A 250 1.90 10.99 36.38
C VAL A 250 2.10 11.71 37.71
N PRO A 251 1.03 12.16 38.43
CA PRO A 251 1.25 12.75 39.76
C PRO A 251 1.55 11.66 40.77
N LEU A 252 2.39 11.94 41.74
CA LEU A 252 2.75 10.97 42.78
C LEU A 252 1.50 10.61 43.59
N GLY A 253 1.33 9.30 43.79
CA GLY A 253 0.19 8.73 44.49
C GLY A 253 -0.98 8.37 43.60
N LYS A 254 -0.92 8.79 42.30
CA LYS A 254 -1.97 8.57 41.29
C LYS A 254 -1.61 7.45 40.30
N GLU A 255 -0.49 6.75 40.55
CA GLU A 255 0.07 5.65 39.75
C GLU A 255 -0.90 4.51 39.44
N GLN A 256 -1.74 4.11 40.43
CA GLN A 256 -2.71 3.02 40.31
C GLN A 256 -3.88 3.31 39.34
N ASN A 257 -4.13 4.59 38.99
CA ASN A 257 -5.20 4.96 38.06
C ASN A 257 -4.78 4.73 36.61
N TYR A 258 -3.51 4.38 36.41
CA TYR A 258 -2.97 4.19 35.07
C TYR A 258 -2.74 2.72 34.74
N THR A 259 -3.00 2.35 33.48
CA THR A 259 -2.70 1.00 33.02
C THR A 259 -2.03 1.08 31.65
N CYS A 260 -1.21 0.09 31.35
N CYS A 260 -1.15 0.14 31.33
CA CYS A 260 -0.57 -0.04 30.05
CA CYS A 260 -0.60 0.07 29.98
C CYS A 260 -1.20 -1.26 29.39
C CYS A 260 -1.07 -1.25 29.37
N ARG A 261 -1.36 -1.26 28.05
CA ARG A 261 -1.88 -2.45 27.37
C ARG A 261 -0.98 -2.70 26.17
N VAL A 262 -0.53 -3.95 26.05
CA VAL A 262 0.38 -4.37 25.00
C VAL A 262 -0.36 -5.35 24.08
N TYR A 263 -0.32 -5.10 22.76
CA TYR A 263 -0.95 -5.97 21.73
C TYR A 263 0.21 -6.55 20.91
N HIS A 264 0.23 -7.84 20.70
CA HIS A 264 1.29 -8.54 19.92
C HIS A 264 0.74 -9.89 19.40
N GLU A 265 1.15 -10.31 18.20
CA GLU A 265 0.62 -11.56 17.63
C GLU A 265 1.02 -12.82 18.41
N GLY A 266 2.00 -12.71 19.30
CA GLY A 266 2.39 -13.80 20.19
C GLY A 266 1.48 -13.93 21.41
N LEU A 267 0.70 -12.87 21.70
CA LEU A 267 -0.18 -12.85 22.87
C LEU A 267 -1.58 -13.36 22.50
N PRO A 268 -2.11 -14.43 23.12
CA PRO A 268 -3.49 -14.86 22.76
C PRO A 268 -4.50 -13.77 23.10
N GLU A 269 -4.18 -12.98 24.14
CA GLU A 269 -5.00 -11.86 24.61
C GLU A 269 -4.06 -10.67 24.92
N PRO A 270 -4.40 -9.41 24.58
CA PRO A 270 -3.49 -8.30 24.95
C PRO A 270 -3.22 -8.29 26.46
N LEU A 271 -2.01 -7.87 26.86
CA LEU A 271 -1.65 -7.80 28.30
C LEU A 271 -2.04 -6.44 28.85
N THR A 272 -2.67 -6.41 30.03
CA THR A 272 -3.01 -5.18 30.71
C THR A 272 -2.24 -5.18 32.00
N LEU A 273 -1.45 -4.15 32.22
CA LEU A 273 -0.70 -4.15 33.46
C LEU A 273 -0.68 -2.80 34.16
N ARG A 274 -0.33 -2.79 35.44
CA ARG A 274 -0.22 -1.54 36.16
C ARG A 274 1.05 -1.59 37.00
N TRP A 275 1.49 -0.45 37.47
CA TRP A 275 2.64 -0.40 38.35
C TRP A 275 2.23 -0.80 39.77
N GLU A 276 3.04 -1.64 40.39
CA GLU A 276 2.89 -2.04 41.78
C GLU A 276 4.27 -1.89 42.39
N PRO A 277 4.41 -1.26 43.59
CA PRO A 277 5.75 -1.17 44.20
C PRO A 277 6.32 -2.57 44.39
N PRO A 278 7.56 -2.85 43.98
CA PRO A 278 8.07 -4.22 44.15
C PRO A 278 8.35 -4.53 45.62
N SER A 279 8.33 -5.83 45.97
CA SER A 279 8.65 -6.24 47.34
C SER A 279 10.15 -5.95 47.55
N THR A 280 10.52 -5.56 48.76
CA THR A 280 11.92 -5.25 49.09
C THR A 280 12.20 -5.85 50.44
N ASP A 281 13.48 -5.89 50.82
N ASP A 281 13.49 -5.94 50.81
CA ASP A 281 13.96 -6.37 52.13
CA ASP A 281 13.94 -6.48 52.11
C ASP A 281 14.27 -5.14 53.00
C ASP A 281 14.32 -5.35 53.06
N MET B 1 18.96 14.79 -3.98
CA MET B 1 19.61 14.14 -2.84
C MET B 1 18.94 14.51 -1.51
N ILE B 2 18.67 13.50 -0.68
CA ILE B 2 18.18 13.69 0.68
C ILE B 2 19.04 12.90 1.65
N GLN B 3 19.83 13.61 2.46
CA GLN B 3 20.63 12.96 3.46
C GLN B 3 19.84 12.93 4.77
N ARG B 4 20.00 11.86 5.54
CA ARG B 4 19.27 11.71 6.79
C ARG B 4 20.21 11.41 7.89
N THR B 5 20.02 12.12 9.01
CA THR B 5 20.95 11.97 10.11
C THR B 5 20.63 10.73 10.96
N PRO B 6 21.65 10.04 11.53
CA PRO B 6 21.28 8.85 12.33
C PRO B 6 20.48 9.14 13.57
N LYS B 7 19.54 8.22 13.87
N LYS B 7 19.55 8.24 13.89
CA LYS B 7 18.74 8.13 15.09
CA LYS B 7 18.75 8.27 15.13
C LYS B 7 19.57 7.18 15.94
C LYS B 7 19.40 7.17 15.97
N ILE B 8 19.76 7.48 17.22
CA ILE B 8 20.57 6.60 18.06
C ILE B 8 19.87 6.19 19.29
N GLN B 9 19.97 4.88 19.64
CA GLN B 9 19.48 4.44 20.96
C GLN B 9 20.59 3.59 21.57
N VAL B 10 20.84 3.77 22.86
CA VAL B 10 21.89 3.04 23.59
C VAL B 10 21.15 2.39 24.75
N TYR B 11 21.28 1.07 24.85
CA TYR B 11 20.52 0.29 25.79
C TYR B 11 21.12 -1.08 26.00
N SER B 12 20.67 -1.77 27.03
CA SER B 12 21.16 -3.11 27.30
C SER B 12 20.21 -4.18 26.81
N ARG B 13 20.73 -5.36 26.50
CA ARG B 13 19.85 -6.44 26.05
C ARG B 13 18.82 -6.88 27.15
N HIS B 14 19.29 -7.01 28.39
CA HIS B 14 18.49 -7.39 29.55
C HIS B 14 18.43 -6.20 30.52
N PRO B 15 17.36 -6.12 31.37
CA PRO B 15 17.30 -5.06 32.39
C PRO B 15 18.59 -5.11 33.23
N ALA B 16 19.24 -3.96 33.36
CA ALA B 16 20.56 -3.88 34.00
C ALA B 16 20.51 -4.22 35.46
N GLU B 17 21.45 -5.05 35.88
CA GLU B 17 21.61 -5.38 37.29
C GLU B 17 23.13 -5.31 37.53
N ASN B 18 23.59 -4.40 38.40
CA ASN B 18 25.03 -4.23 38.65
C ASN B 18 25.68 -5.53 39.04
N GLY B 19 26.78 -5.80 38.36
CA GLY B 19 27.56 -7.02 38.55
C GLY B 19 27.07 -8.23 37.79
N LYS B 20 26.01 -8.12 36.96
CA LYS B 20 25.54 -9.27 36.20
C LYS B 20 25.80 -9.02 34.70
N SER B 21 26.44 -9.98 34.06
CA SER B 21 26.82 -9.92 32.65
C SER B 21 25.60 -9.71 31.75
N ASN B 22 25.79 -8.88 30.73
CA ASN B 22 24.74 -8.39 29.84
C ASN B 22 25.38 -7.97 28.50
N PHE B 23 24.61 -7.32 27.63
CA PHE B 23 25.08 -6.84 26.33
C PHE B 23 24.71 -5.39 26.24
N LEU B 24 25.64 -4.57 25.78
CA LEU B 24 25.40 -3.16 25.56
C LEU B 24 25.17 -2.97 24.06
N ASN B 25 24.04 -2.36 23.71
CA ASN B 25 23.64 -2.11 22.34
C ASN B 25 23.68 -0.65 21.95
N CYS B 26 24.09 -0.39 20.72
CA CYS B 26 23.96 0.94 20.10
C CYS B 26 23.32 0.73 18.75
N TYR B 27 22.03 1.09 18.67
CA TYR B 27 21.24 0.90 17.48
C TYR B 27 21.22 2.20 16.76
N VAL B 28 21.74 2.20 15.53
N VAL B 28 21.73 2.20 15.54
CA VAL B 28 21.85 3.38 14.69
CA VAL B 28 21.77 3.39 14.70
C VAL B 28 20.91 3.16 13.50
C VAL B 28 20.86 3.15 13.51
N SER B 29 19.93 4.06 13.26
CA SER B 29 18.97 3.88 12.17
C SER B 29 18.55 5.21 11.53
N GLY B 30 17.77 5.11 10.47
CA GLY B 30 17.25 6.28 9.76
C GLY B 30 18.29 7.17 9.12
N PHE B 31 19.46 6.62 8.78
CA PHE B 31 20.48 7.46 8.17
C PHE B 31 20.69 7.20 6.69
N HIS B 32 21.21 8.22 5.99
CA HIS B 32 21.47 8.14 4.56
C HIS B 32 22.46 9.26 4.28
N PRO B 33 23.63 8.99 3.67
CA PRO B 33 24.08 7.71 3.09
C PRO B 33 24.51 6.67 4.13
N SER B 34 24.96 5.48 3.66
CA SER B 34 25.26 4.33 4.51
C SER B 34 26.53 4.37 5.31
N ASP B 35 27.51 5.19 4.91
CA ASP B 35 28.76 5.21 5.66
C ASP B 35 28.53 5.79 7.05
N ILE B 36 29.04 5.12 8.06
CA ILE B 36 28.82 5.58 9.45
C ILE B 36 29.96 5.06 10.32
N GLU B 37 30.31 5.84 11.32
CA GLU B 37 31.38 5.45 12.24
C GLU B 37 30.73 5.32 13.62
N VAL B 38 30.88 4.19 14.27
CA VAL B 38 30.27 4.00 15.59
C VAL B 38 31.29 3.38 16.53
N ASP B 39 31.43 3.97 17.73
CA ASP B 39 32.29 3.39 18.74
C ASP B 39 31.48 3.27 20.01
N LEU B 40 31.72 2.21 20.77
CA LEU B 40 31.11 2.07 22.11
C LEU B 40 32.21 2.53 23.06
N LEU B 41 31.84 3.32 24.07
CA LEU B 41 32.80 3.92 25.02
C LEU B 41 32.57 3.46 26.41
N LYS B 42 33.65 3.26 27.16
CA LYS B 42 33.59 2.93 28.58
C LYS B 42 34.46 4.00 29.26
N ASN B 43 33.86 4.86 30.08
CA ASN B 43 34.56 5.97 30.74
C ASN B 43 35.30 6.87 29.73
N GLY B 44 34.63 7.11 28.61
CA GLY B 44 35.13 7.95 27.51
C GLY B 44 36.14 7.29 26.59
N GLU B 45 36.52 6.03 26.87
CA GLU B 45 37.49 5.33 26.04
C GLU B 45 36.81 4.31 25.15
N ARG B 46 37.30 4.21 23.92
CA ARG B 46 36.86 3.27 22.88
C ARG B 46 37.00 1.83 23.31
N ILE B 47 35.89 1.06 23.22
CA ILE B 47 35.88 -0.38 23.53
C ILE B 47 36.37 -1.09 22.27
N GLU B 48 37.40 -1.97 22.40
CA GLU B 48 37.95 -2.68 21.21
C GLU B 48 37.10 -3.89 20.72
N LYS B 49 36.54 -4.69 21.62
CA LYS B 49 35.75 -5.87 21.24
C LYS B 49 34.29 -5.48 20.93
N VAL B 50 34.03 -4.85 19.77
CA VAL B 50 32.67 -4.42 19.41
C VAL B 50 32.29 -5.07 18.11
N GLU B 51 31.15 -5.77 18.10
CA GLU B 51 30.62 -6.42 16.89
C GLU B 51 29.48 -5.60 16.34
N HIS B 52 29.09 -5.87 15.10
CA HIS B 52 27.97 -5.15 14.52
C HIS B 52 27.22 -6.05 13.60
N SER B 53 25.93 -5.73 13.38
CA SER B 53 25.06 -6.50 12.51
C SER B 53 25.46 -6.10 11.07
N ASP B 54 24.93 -6.82 10.04
CA ASP B 54 25.22 -6.47 8.66
C ASP B 54 24.29 -5.32 8.24
N LEU B 55 24.73 -4.53 7.28
CA LEU B 55 23.95 -3.37 6.84
C LEU B 55 22.61 -3.71 6.22
N SER B 56 21.55 -2.97 6.61
CA SER B 56 20.22 -3.18 6.06
C SER B 56 19.61 -1.82 5.83
N PHE B 57 18.49 -1.76 5.05
CA PHE B 57 17.80 -0.48 4.86
C PHE B 57 16.31 -0.72 4.95
N SER B 58 15.60 0.32 5.39
CA SER B 58 14.14 0.31 5.62
C SER B 58 13.36 0.76 4.38
N LYS B 59 12.03 0.61 4.43
CA LYS B 59 11.15 0.99 3.33
C LYS B 59 11.21 2.48 2.97
N ASP B 60 11.76 3.35 3.83
CA ASP B 60 11.98 4.78 3.52
C ASP B 60 13.42 5.04 2.94
N TRP B 61 14.15 3.94 2.60
CA TRP B 61 15.50 3.86 1.99
C TRP B 61 16.65 4.07 3.00
N SER B 62 16.31 4.44 4.22
CA SER B 62 17.33 4.74 5.23
C SER B 62 17.94 3.46 5.85
N PHE B 63 19.22 3.54 6.16
CA PHE B 63 20.01 2.44 6.66
C PHE B 63 19.97 2.29 8.14
N TYR B 64 20.22 1.07 8.60
CA TYR B 64 20.26 0.77 10.02
C TYR B 64 21.23 -0.38 10.30
N LEU B 65 21.85 -0.33 11.47
CA LEU B 65 22.85 -1.30 11.97
C LEU B 65 22.74 -1.36 13.50
N LEU B 66 23.20 -2.46 14.07
CA LEU B 66 23.29 -2.57 15.52
C LEU B 66 24.76 -2.84 15.88
N TYR B 67 25.32 -2.06 16.83
CA TYR B 67 26.69 -2.29 17.37
C TYR B 67 26.51 -2.81 18.78
N TYR B 68 27.31 -3.79 19.19
CA TYR B 68 27.08 -4.36 20.53
C TYR B 68 28.33 -4.98 21.12
N THR B 69 28.37 -5.06 22.44
CA THR B 69 29.49 -5.72 23.13
C THR B 69 28.97 -6.32 24.40
N GLU B 70 29.63 -7.39 24.87
CA GLU B 70 29.29 -7.94 26.19
C GLU B 70 29.82 -6.96 27.22
N PHE B 71 29.09 -6.77 28.31
CA PHE B 71 29.55 -5.90 29.40
C PHE B 71 28.87 -6.30 30.71
N THR B 72 29.39 -5.77 31.80
CA THR B 72 28.75 -5.97 33.10
C THR B 72 28.45 -4.57 33.63
N PRO B 73 27.16 -4.16 33.82
CA PRO B 73 26.92 -2.83 34.41
C PRO B 73 27.52 -2.71 35.82
N THR B 74 27.97 -1.51 36.18
CA THR B 74 28.49 -1.21 37.51
C THR B 74 28.00 0.20 37.91
N GLU B 75 28.13 0.52 39.18
CA GLU B 75 27.76 1.87 39.64
C GLU B 75 28.70 2.96 39.09
N LYS B 76 29.99 2.66 38.98
CA LYS B 76 31.02 3.63 38.63
C LYS B 76 31.37 3.76 37.14
N ASP B 77 31.17 2.71 36.32
CA ASP B 77 31.53 2.81 34.91
C ASP B 77 30.44 3.47 34.06
N GLU B 78 30.85 4.37 33.18
CA GLU B 78 29.87 5.05 32.33
C GLU B 78 30.02 4.54 30.91
N TYR B 79 28.91 4.20 30.27
CA TYR B 79 28.95 3.67 28.92
C TYR B 79 28.26 4.62 27.98
N ALA B 80 28.71 4.64 26.72
CA ALA B 80 28.14 5.56 25.75
C ALA B 80 28.41 5.06 24.35
N CYS B 81 27.77 5.69 23.36
CA CYS B 81 27.94 5.35 21.96
C CYS B 81 28.36 6.67 21.29
N ARG B 82 29.40 6.64 20.45
CA ARG B 82 29.86 7.81 19.70
C ARG B 82 29.64 7.54 18.24
N VAL B 83 28.85 8.42 17.60
CA VAL B 83 28.48 8.22 16.22
C VAL B 83 28.93 9.40 15.39
N ASN B 84 29.48 9.10 14.24
CA ASN B 84 29.78 10.17 13.27
C ASN B 84 29.21 9.78 11.92
N HIS B 85 28.76 10.79 11.18
CA HIS B 85 28.12 10.60 9.85
C HIS B 85 28.32 11.90 9.11
N VAL B 86 28.21 11.85 7.77
CA VAL B 86 28.41 13.07 6.93
C VAL B 86 27.45 14.21 7.24
N THR B 87 26.27 13.90 7.87
CA THR B 87 25.30 14.95 8.21
C THR B 87 25.72 15.78 9.45
N LEU B 88 26.76 15.35 10.16
CA LEU B 88 27.19 16.02 11.39
C LEU B 88 28.53 16.74 11.20
N SER B 89 28.77 17.77 12.00
CA SER B 89 30.05 18.49 11.93
C SER B 89 31.02 17.90 12.96
N GLN B 90 30.49 17.10 13.90
CA GLN B 90 31.30 16.48 14.94
C GLN B 90 30.57 15.23 15.49
N PRO B 91 31.29 14.24 16.07
CA PRO B 91 30.59 13.05 16.58
C PRO B 91 29.59 13.38 17.65
N LYS B 92 28.50 12.61 17.67
CA LYS B 92 27.46 12.75 18.68
C LYS B 92 27.71 11.67 19.71
N ILE B 93 27.66 12.02 20.99
CA ILE B 93 27.83 11.05 22.06
C ILE B 93 26.52 10.93 22.76
N VAL B 94 26.03 9.68 22.87
CA VAL B 94 24.78 9.36 23.57
C VAL B 94 25.16 8.44 24.72
N LYS B 95 24.89 8.89 25.96
CA LYS B 95 25.21 8.13 27.16
C LYS B 95 24.19 7.02 27.38
N TRP B 96 24.68 5.87 27.91
CA TRP B 96 23.74 4.80 28.25
C TRP B 96 23.04 5.17 29.53
N ASP B 97 21.71 5.11 29.50
CA ASP B 97 20.86 5.32 30.65
C ASP B 97 20.09 4.00 30.81
N ARG B 98 20.34 3.28 31.93
CA ARG B 98 19.73 1.96 32.15
C ARG B 98 18.20 1.98 32.26
N ASP B 99 17.63 3.18 32.48
CA ASP B 99 16.16 3.37 32.57
C ASP B 99 15.48 3.69 31.22
N MET B 100 16.25 3.72 30.11
CA MET B 100 15.76 4.09 28.76
C MET B 100 16.02 3.05 27.63
N SER C 1 13.62 -16.33 -4.71
CA SER C 1 14.41 -16.29 -5.92
C SER C 1 14.60 -14.83 -6.29
N SER C 2 15.85 -14.37 -6.36
CA SER C 2 16.13 -12.95 -6.61
C SER C 2 15.77 -12.59 -8.06
N LEU C 3 15.58 -11.33 -8.29
CA LEU C 3 15.24 -10.79 -9.58
C LEU C 3 16.51 -10.52 -10.38
N CYS C 4 16.49 -10.78 -11.72
CA CYS C 4 17.52 -10.36 -12.69
C CYS C 4 16.88 -9.18 -13.34
N ASN C 5 17.47 -8.00 -13.22
CA ASN C 5 16.88 -6.82 -13.84
C ASN C 5 16.87 -6.95 -15.35
N PHE C 6 15.99 -6.20 -15.98
CA PHE C 6 15.89 -6.20 -17.46
C PHE C 6 17.17 -5.64 -18.10
N ARG C 7 17.42 -5.99 -19.37
CA ARG C 7 18.64 -5.54 -20.08
C ARG C 7 18.84 -4.00 -20.12
N ALA C 8 17.76 -3.21 -20.01
CA ALA C 8 17.87 -1.76 -19.98
C ALA C 8 18.29 -1.32 -18.59
N TYR C 9 19.40 -0.58 -18.54
CA TYR C 9 19.93 -0.04 -17.29
C TYR C 9 19.19 1.22 -16.98
N VAL C 10 19.46 1.79 -15.81
CA VAL C 10 18.91 3.12 -15.49
C VAL C 10 19.35 4.08 -16.68
N GLY D 2 -22.93 -13.13 -10.83
CA GLY D 2 -24.20 -13.84 -10.84
C GLY D 2 -25.16 -13.37 -9.77
N PRO D 3 -24.85 -13.60 -8.47
CA PRO D 3 -25.80 -13.19 -7.43
C PRO D 3 -26.00 -11.69 -7.33
N HIS D 4 -27.22 -11.34 -6.94
CA HIS D 4 -27.65 -9.98 -6.73
C HIS D 4 -26.93 -9.47 -5.50
N SER D 5 -26.64 -8.18 -5.48
CA SER D 5 -25.86 -7.63 -4.35
C SER D 5 -26.30 -6.24 -4.06
N MET D 6 -25.95 -5.75 -2.88
CA MET D 6 -26.15 -4.38 -2.50
C MET D 6 -24.90 -3.99 -1.75
N ARG D 7 -24.46 -2.74 -1.92
CA ARG D 7 -23.28 -2.28 -1.21
C ARG D 7 -23.44 -0.82 -0.84
N TYR D 8 -22.87 -0.42 0.29
CA TYR D 8 -22.78 1.00 0.63
C TYR D 8 -21.29 1.30 0.76
N PHE D 9 -20.81 2.27 -0.02
CA PHE D 9 -19.40 2.68 -0.04
C PHE D 9 -19.32 4.06 0.59
N GLU D 10 -18.67 4.15 1.76
CA GLU D 10 -18.61 5.40 2.52
C GLU D 10 -17.21 5.92 2.66
N THR D 11 -17.06 7.24 2.60
CA THR D 11 -15.73 7.86 2.70
C THR D 11 -15.85 9.09 3.56
N ALA D 12 -14.86 9.33 4.43
CA ALA D 12 -14.76 10.57 5.15
C ALA D 12 -13.33 11.02 4.93
N VAL D 13 -13.17 12.28 4.57
CA VAL D 13 -11.86 12.88 4.29
C VAL D 13 -11.70 14.08 5.20
N SER D 14 -10.70 14.07 6.09
CA SER D 14 -10.52 15.22 6.98
C SER D 14 -9.96 16.42 6.20
N ARG D 15 -10.26 17.62 6.72
CA ARG D 15 -9.96 18.86 6.03
C ARG D 15 -9.11 19.84 6.85
N PRO D 16 -8.46 20.85 6.20
CA PRO D 16 -7.58 21.78 6.94
C PRO D 16 -8.27 22.58 8.05
N GLY D 17 -7.52 22.86 9.11
CA GLY D 17 -7.93 23.68 10.24
C GLY D 17 -9.16 23.23 11.01
N LEU D 18 -10.15 24.11 11.13
CA LEU D 18 -11.41 23.89 11.87
C LEU D 18 -12.51 23.25 11.02
N GLU D 19 -12.24 23.02 9.72
CA GLU D 19 -13.28 22.47 8.85
C GLU D 19 -13.50 20.98 9.12
N GLU D 20 -14.78 20.61 9.12
CA GLU D 20 -15.24 19.24 9.35
C GLU D 20 -14.89 18.37 8.14
N PRO D 21 -14.76 17.04 8.36
CA PRO D 21 -14.49 16.14 7.22
C PRO D 21 -15.62 16.15 6.19
N ARG D 22 -15.29 15.80 4.94
CA ARG D 22 -16.30 15.64 3.90
C ARG D 22 -16.68 14.17 4.01
N TYR D 23 -17.98 13.90 4.05
CA TYR D 23 -18.52 12.54 4.12
C TYR D 23 -19.38 12.27 2.87
N ILE D 24 -19.09 11.16 2.20
CA ILE D 24 -19.83 10.76 1.00
C ILE D 24 -20.21 9.33 1.18
N SER D 25 -21.49 9.04 0.94
CA SER D 25 -22.00 7.67 0.95
C SER D 25 -22.66 7.38 -0.39
N VAL D 26 -22.35 6.24 -0.97
CA VAL D 26 -22.90 5.83 -2.27
C VAL D 26 -23.44 4.42 -2.11
N GLY D 27 -24.70 4.22 -2.50
CA GLY D 27 -25.32 2.90 -2.45
C GLY D 27 -25.32 2.30 -3.84
N TYR D 28 -25.16 1.00 -3.94
CA TYR D 28 -25.19 0.24 -5.19
C TYR D 28 -26.10 -0.97 -5.04
N VAL D 29 -26.86 -1.28 -6.11
CA VAL D 29 -27.69 -2.47 -6.24
C VAL D 29 -27.15 -3.08 -7.53
N ASP D 30 -26.60 -4.32 -7.46
CA ASP D 30 -26.00 -5.02 -8.60
C ASP D 30 -24.96 -4.17 -9.32
N ASN D 31 -24.07 -3.53 -8.52
CA ASN D 31 -22.99 -2.65 -9.01
C ASN D 31 -23.46 -1.39 -9.75
N LYS D 32 -24.72 -1.01 -9.59
CA LYS D 32 -25.22 0.22 -10.19
C LYS D 32 -25.54 1.21 -9.11
N GLU D 33 -24.96 2.41 -9.18
CA GLU D 33 -25.24 3.46 -8.19
C GLU D 33 -26.75 3.79 -8.13
N PHE D 34 -27.35 3.81 -6.91
CA PHE D 34 -28.81 4.04 -6.81
C PHE D 34 -29.18 5.14 -5.83
N VAL D 35 -28.28 5.45 -4.87
CA VAL D 35 -28.48 6.54 -3.92
C VAL D 35 -27.11 7.17 -3.62
N ARG D 36 -27.12 8.43 -3.18
N ARG D 36 -27.10 8.45 -3.22
CA ARG D 36 -25.91 9.15 -2.84
CA ARG D 36 -25.87 9.17 -2.86
C ARG D 36 -26.16 10.26 -1.85
C ARG D 36 -26.14 10.28 -1.87
N PHE D 37 -25.24 10.41 -0.89
CA PHE D 37 -25.27 11.46 0.13
C PHE D 37 -23.92 12.12 0.06
N ASP D 38 -23.89 13.45 0.10
CA ASP D 38 -22.59 14.15 0.10
C ASP D 38 -22.72 15.37 1.01
N SER D 39 -21.92 15.40 2.10
CA SER D 39 -21.95 16.49 3.07
C SER D 39 -21.59 17.85 2.45
N ASP D 40 -20.96 17.86 1.27
CA ASP D 40 -20.54 19.10 0.57
C ASP D 40 -21.70 19.82 -0.11
N ALA D 41 -22.83 19.14 -0.32
CA ALA D 41 -24.01 19.73 -0.97
C ALA D 41 -24.62 20.83 -0.11
N GLU D 42 -25.40 21.74 -0.73
CA GLU D 42 -26.09 22.87 -0.09
C GLU D 42 -27.01 22.38 1.04
N ASN D 43 -27.89 21.41 0.72
CA ASN D 43 -28.80 20.80 1.71
C ASN D 43 -28.51 19.29 1.67
N PRO D 44 -27.52 18.82 2.47
CA PRO D 44 -27.15 17.40 2.39
C PRO D 44 -28.27 16.44 2.73
N ARG D 45 -28.53 15.52 1.82
CA ARG D 45 -29.53 14.46 1.97
C ARG D 45 -29.21 13.33 1.02
N TYR D 46 -29.70 12.13 1.31
CA TYR D 46 -29.55 11.03 0.37
C TYR D 46 -30.45 11.37 -0.79
N GLU D 47 -29.96 11.18 -1.99
CA GLU D 47 -30.73 11.47 -3.20
C GLU D 47 -30.82 10.25 -4.07
N PRO D 48 -31.94 10.05 -4.82
CA PRO D 48 -31.99 8.92 -5.75
C PRO D 48 -30.98 9.16 -6.88
N ARG D 49 -30.27 8.14 -7.27
CA ARG D 49 -29.32 8.24 -8.38
C ARG D 49 -29.79 7.38 -9.55
N ALA D 50 -30.71 6.45 -9.26
CA ALA D 50 -31.37 5.62 -10.26
C ALA D 50 -32.83 6.15 -10.22
N PRO D 51 -33.44 6.50 -11.37
CA PRO D 51 -34.80 7.09 -11.32
C PRO D 51 -35.86 6.19 -10.72
N TRP D 52 -35.71 4.85 -10.80
CA TRP D 52 -36.65 3.91 -10.17
C TRP D 52 -36.72 4.06 -8.64
N MET D 53 -35.72 4.70 -8.02
CA MET D 53 -35.76 4.97 -6.58
C MET D 53 -36.79 6.00 -6.19
N GLU D 54 -37.35 6.73 -7.21
CA GLU D 54 -38.39 7.74 -6.96
C GLU D 54 -39.72 7.10 -6.58
N GLN D 55 -39.76 5.79 -6.54
CA GLN D 55 -40.91 5.02 -6.09
C GLN D 55 -40.99 5.12 -4.56
N GLU D 56 -39.86 5.44 -3.89
CA GLU D 56 -39.83 5.62 -2.43
C GLU D 56 -40.44 6.99 -2.04
N GLY D 57 -41.20 7.00 -0.95
CA GLY D 57 -41.84 8.20 -0.42
C GLY D 57 -40.92 9.09 0.40
N PRO D 58 -41.36 10.31 0.76
CA PRO D 58 -40.50 11.22 1.54
C PRO D 58 -40.00 10.71 2.90
N GLU D 59 -40.71 9.77 3.55
CA GLU D 59 -40.30 9.25 4.85
C GLU D 59 -38.97 8.47 4.68
N TYR D 60 -38.83 7.77 3.55
CA TYR D 60 -37.62 7.00 3.21
C TYR D 60 -36.40 7.92 3.16
N TRP D 61 -36.51 8.99 2.35
CA TRP D 61 -35.44 9.97 2.15
C TRP D 61 -35.07 10.70 3.41
N GLU D 62 -36.06 11.01 4.25
CA GLU D 62 -35.83 11.67 5.54
C GLU D 62 -35.05 10.72 6.52
N ARG D 63 -35.49 9.46 6.61
N ARG D 63 -35.49 9.46 6.61
CA ARG D 63 -34.91 8.42 7.45
CA ARG D 63 -34.90 8.44 7.47
C ARG D 63 -33.45 8.15 7.08
C ARG D 63 -33.46 8.11 7.08
N GLU D 64 -33.18 7.95 5.77
CA GLU D 64 -31.84 7.69 5.24
C GLU D 64 -30.92 8.88 5.51
N THR D 65 -31.41 10.11 5.31
CA THR D 65 -30.63 11.32 5.57
C THR D 65 -30.20 11.39 7.04
N GLN D 66 -31.12 11.06 7.95
CA GLN D 66 -30.85 11.04 9.39
C GLN D 66 -29.75 10.06 9.69
N LYS D 67 -29.81 8.87 9.06
CA LYS D 67 -28.79 7.82 9.24
C LYS D 67 -27.44 8.33 8.75
N ALA D 68 -27.41 9.04 7.60
CA ALA D 68 -26.16 9.60 7.05
C ALA D 68 -25.55 10.63 8.00
N LYS D 69 -26.40 11.41 8.70
CA LYS D 69 -25.89 12.40 9.67
C LYS D 69 -25.22 11.70 10.87
N GLY D 70 -25.79 10.57 11.31
CA GLY D 70 -25.24 9.72 12.35
C GLY D 70 -23.91 9.11 11.93
N GLN D 71 -23.82 8.61 10.66
CA GLN D 71 -22.57 8.05 10.12
C GLN D 71 -21.49 9.10 10.03
N GLU D 72 -21.87 10.33 9.62
CA GLU D 72 -20.93 11.41 9.49
C GLU D 72 -20.26 11.66 10.88
N GLN D 73 -21.04 11.59 11.96
CA GLN D 73 -20.47 11.78 13.29
C GLN D 73 -19.56 10.60 13.67
N TRP D 74 -19.98 9.38 13.34
CA TRP D 74 -19.21 8.18 13.64
C TRP D 74 -17.85 8.21 12.93
N PHE D 75 -17.81 8.61 11.64
CA PHE D 75 -16.55 8.69 10.89
C PHE D 75 -15.65 9.78 11.43
N ARG D 76 -16.24 10.92 11.84
CA ARG D 76 -15.45 12.03 12.42
C ARG D 76 -14.71 11.58 13.72
N VAL D 77 -15.40 10.91 14.64
CA VAL D 77 -14.81 10.39 15.87
C VAL D 77 -13.75 9.34 15.52
N SER D 78 -14.09 8.42 14.62
CA SER D 78 -13.18 7.33 14.20
C SER D 78 -11.86 7.88 13.61
N LEU D 79 -11.95 8.91 12.76
CA LEU D 79 -10.79 9.59 12.17
C LEU D 79 -9.89 10.17 13.27
N ARG D 80 -10.50 10.79 14.28
CA ARG D 80 -9.76 11.37 15.40
C ARG D 80 -9.03 10.27 16.17
N ASN D 81 -9.70 9.12 16.42
CA ASN D 81 -9.06 8.00 17.09
C ASN D 81 -7.88 7.44 16.30
N LEU D 82 -8.04 7.31 14.99
CA LEU D 82 -6.99 6.77 14.12
C LEU D 82 -5.71 7.64 14.10
N LEU D 83 -5.84 8.97 14.20
CA LEU D 83 -4.68 9.88 14.26
C LEU D 83 -3.82 9.46 15.46
N GLY D 84 -4.48 9.28 16.60
CA GLY D 84 -3.90 8.83 17.84
C GLY D 84 -3.19 7.50 17.67
N TYR D 85 -3.87 6.47 17.11
CA TYR D 85 -3.29 5.13 16.89
C TYR D 85 -1.97 5.13 16.12
N TYR D 86 -1.89 5.92 15.07
CA TYR D 86 -0.72 5.98 14.20
C TYR D 86 0.25 7.09 14.53
N ASN D 87 0.01 7.84 15.61
CA ASN D 87 0.83 8.97 16.04
C ASN D 87 1.08 9.99 14.92
N GLN D 88 -0.01 10.34 14.21
CA GLN D 88 0.07 11.30 13.11
C GLN D 88 -0.20 12.69 13.64
N SER D 89 0.35 13.71 12.95
CA SER D 89 0.20 15.12 13.31
C SER D 89 -1.27 15.57 13.29
N ALA D 90 -1.65 16.42 14.27
CA ALA D 90 -3.00 16.97 14.48
C ALA D 90 -3.73 17.41 13.21
N GLY D 91 -3.03 18.15 12.34
CA GLY D 91 -3.57 18.65 11.08
C GLY D 91 -3.44 17.68 9.91
N GLY D 92 -3.49 18.23 8.70
CA GLY D 92 -3.40 17.46 7.46
C GLY D 92 -4.72 16.82 7.05
N SER D 93 -4.67 16.03 5.95
CA SER D 93 -5.86 15.33 5.45
C SER D 93 -5.67 13.82 5.49
N HIS D 94 -6.70 13.13 5.99
CA HIS D 94 -6.68 11.68 6.21
C HIS D 94 -7.98 11.10 5.72
N THR D 95 -7.97 9.80 5.35
CA THR D 95 -9.18 9.17 4.80
C THR D 95 -9.60 7.94 5.52
N LEU D 96 -10.92 7.83 5.80
CA LEU D 96 -11.51 6.62 6.37
C LEU D 96 -12.61 6.14 5.41
N GLN D 97 -12.55 4.89 4.99
CA GLN D 97 -13.55 4.35 4.09
C GLN D 97 -14.14 3.09 4.66
N GLN D 98 -15.34 2.76 4.22
CA GLN D 98 -16.02 1.55 4.64
C GLN D 98 -16.80 0.97 3.46
N MET D 99 -16.81 -0.38 3.33
CA MET D 99 -17.68 -1.05 2.37
C MET D 99 -18.51 -2.03 3.15
N SER D 100 -19.82 -2.00 2.96
CA SER D 100 -20.67 -2.98 3.61
C SER D 100 -21.72 -3.45 2.63
N GLY D 101 -22.22 -4.65 2.85
CA GLY D 101 -23.29 -5.11 1.97
C GLY D 101 -23.51 -6.59 1.98
N CYS D 102 -24.37 -7.03 1.07
CA CYS D 102 -24.77 -8.43 1.01
C CYS D 102 -24.83 -8.92 -0.41
N ASP D 103 -24.61 -10.23 -0.58
CA ASP D 103 -24.78 -11.00 -1.80
C ASP D 103 -25.93 -11.94 -1.50
N LEU D 104 -26.86 -12.07 -2.46
CA LEU D 104 -28.07 -12.87 -2.31
C LEU D 104 -27.94 -14.27 -2.89
N GLY D 105 -28.35 -15.26 -2.10
CA GLY D 105 -28.33 -16.66 -2.51
C GLY D 105 -29.63 -17.01 -3.21
N SER D 106 -29.71 -18.23 -3.79
CA SER D 106 -30.89 -18.71 -4.51
C SER D 106 -32.17 -18.90 -3.65
N ASP D 107 -32.12 -18.59 -2.34
CA ASP D 107 -33.27 -18.69 -1.43
C ASP D 107 -33.74 -17.29 -0.95
N TRP D 108 -33.30 -16.22 -1.67
CA TRP D 108 -33.51 -14.81 -1.32
C TRP D 108 -32.84 -14.47 0.03
N ARG D 109 -31.91 -15.31 0.52
CA ARG D 109 -31.25 -15.04 1.79
C ARG D 109 -29.77 -14.80 1.59
N LEU D 110 -29.09 -14.40 2.67
CA LEU D 110 -27.69 -14.06 2.61
C LEU D 110 -26.78 -15.21 2.15
N LEU D 111 -26.02 -14.97 1.07
CA LEU D 111 -25.00 -15.88 0.55
C LEU D 111 -23.65 -15.48 1.22
N ARG D 112 -23.37 -14.16 1.29
CA ARG D 112 -22.13 -13.62 1.91
C ARG D 112 -22.42 -12.22 2.38
N GLY D 113 -22.03 -11.89 3.61
CA GLY D 113 -22.19 -10.52 4.10
C GLY D 113 -20.81 -9.87 4.17
N TYR D 114 -20.74 -8.57 3.94
CA TYR D 114 -19.45 -7.85 3.90
C TYR D 114 -19.43 -6.64 4.80
N LEU D 115 -18.33 -6.44 5.50
CA LEU D 115 -18.10 -5.21 6.29
C LEU D 115 -16.60 -5.00 6.38
N GLN D 116 -16.09 -3.95 5.74
CA GLN D 116 -14.64 -3.74 5.70
C GLN D 116 -14.35 -2.26 5.87
N PHE D 117 -13.21 -1.96 6.49
CA PHE D 117 -12.75 -0.60 6.74
C PHE D 117 -11.33 -0.45 6.23
N ALA D 118 -11.03 0.75 5.78
CA ALA D 118 -9.67 1.12 5.34
C ALA D 118 -9.30 2.47 5.91
N TYR D 119 -8.01 2.66 6.21
CA TYR D 119 -7.53 3.96 6.63
C TYR D 119 -6.38 4.32 5.67
N GLU D 120 -6.38 5.57 5.11
CA GLU D 120 -5.36 6.01 4.11
C GLU D 120 -5.31 5.07 2.87
N GLY D 121 -6.45 4.48 2.52
CA GLY D 121 -6.54 3.61 1.37
C GLY D 121 -6.04 2.19 1.55
N ARG D 122 -5.69 1.82 2.80
CA ARG D 122 -5.24 0.45 3.08
C ARG D 122 -6.16 -0.29 4.04
N ASP D 123 -6.32 -1.61 3.86
CA ASP D 123 -7.14 -2.45 4.77
C ASP D 123 -6.82 -2.14 6.22
N TYR D 124 -7.87 -1.98 7.05
CA TYR D 124 -7.66 -1.71 8.48
C TYR D 124 -8.23 -2.84 9.32
N ILE D 125 -9.53 -3.01 9.20
CA ILE D 125 -10.24 -4.08 9.88
C ILE D 125 -11.40 -4.54 9.04
N ALA D 126 -11.76 -5.84 9.16
CA ALA D 126 -12.90 -6.38 8.43
C ALA D 126 -13.61 -7.48 9.23
N LEU D 127 -14.92 -7.58 9.04
CA LEU D 127 -15.69 -8.64 9.67
C LEU D 127 -15.45 -9.88 8.82
N ASN D 128 -15.17 -11.04 9.46
CA ASN D 128 -14.95 -12.28 8.72
C ASN D 128 -16.24 -12.81 8.14
N GLU D 129 -16.15 -13.74 7.16
CA GLU D 129 -17.29 -14.35 6.48
C GLU D 129 -18.27 -15.03 7.47
N ASP D 130 -17.77 -15.40 8.65
CA ASP D 130 -18.58 -16.01 9.73
C ASP D 130 -19.54 -15.00 10.39
N LEU D 131 -19.28 -13.69 10.17
CA LEU D 131 -20.06 -12.59 10.74
C LEU D 131 -20.01 -12.58 12.25
N LYS D 132 -18.92 -13.12 12.82
CA LYS D 132 -18.79 -13.22 14.26
C LYS D 132 -17.44 -12.78 14.73
N THR D 133 -16.43 -12.90 13.86
CA THR D 133 -15.04 -12.58 14.23
C THR D 133 -14.44 -11.52 13.32
N TRP D 134 -13.41 -10.85 13.81
CA TRP D 134 -12.76 -9.75 13.09
C TRP D 134 -11.36 -10.08 12.61
N THR D 135 -11.00 -9.54 11.46
CA THR D 135 -9.63 -9.64 10.92
C THR D 135 -8.99 -8.24 10.97
N ALA D 136 -7.93 -8.05 11.80
CA ALA D 136 -7.20 -6.79 11.85
C ALA D 136 -6.06 -6.90 10.82
N ALA D 137 -5.84 -5.84 10.05
CA ALA D 137 -4.81 -5.85 8.99
C ALA D 137 -3.42 -5.42 9.47
N ASP D 138 -3.35 -4.73 10.61
CA ASP D 138 -2.07 -4.31 11.22
C ASP D 138 -2.15 -4.26 12.73
N MET D 139 -1.07 -3.81 13.38
CA MET D 139 -1.06 -3.83 14.84
C MET D 139 -1.90 -2.72 15.47
N ALA D 140 -2.07 -1.56 14.83
CA ALA D 140 -2.94 -0.49 15.36
C ALA D 140 -4.41 -0.98 15.37
N ALA D 141 -4.82 -1.74 14.33
CA ALA D 141 -6.18 -2.29 14.22
C ALA D 141 -6.52 -3.28 15.33
N GLN D 142 -5.50 -3.82 16.01
CA GLN D 142 -5.75 -4.72 17.13
C GLN D 142 -6.48 -3.98 18.26
N ILE D 143 -6.23 -2.64 18.38
CA ILE D 143 -6.90 -1.83 19.40
C ILE D 143 -8.40 -1.88 19.13
N THR D 144 -8.76 -1.62 17.87
CA THR D 144 -10.15 -1.67 17.43
C THR D 144 -10.72 -3.06 17.57
N ARG D 145 -9.97 -4.09 17.18
CA ARG D 145 -10.48 -5.46 17.28
C ARG D 145 -10.85 -5.78 18.72
N ARG D 146 -9.97 -5.44 19.67
CA ARG D 146 -10.26 -5.72 21.08
C ARG D 146 -11.54 -4.95 21.55
N LYS D 147 -11.67 -3.65 21.21
CA LYS D 147 -12.84 -2.86 21.58
C LYS D 147 -14.15 -3.50 21.00
N TRP D 148 -14.10 -3.92 19.73
CA TRP D 148 -15.26 -4.46 19.03
C TRP D 148 -15.63 -5.85 19.48
N GLU D 149 -14.60 -6.66 19.84
CA GLU D 149 -14.89 -7.99 20.37
C GLU D 149 -15.55 -7.85 21.75
N GLN D 150 -15.03 -6.93 22.57
CA GLN D 150 -15.53 -6.72 23.95
C GLN D 150 -16.88 -6.05 24.03
N SER D 151 -17.27 -5.31 23.01
CA SER D 151 -18.55 -4.60 23.01
C SER D 151 -19.64 -5.36 22.25
N GLY D 152 -19.30 -6.50 21.66
CA GLY D 152 -20.25 -7.30 20.89
C GLY D 152 -20.68 -6.63 19.58
N ALA D 153 -19.78 -5.85 18.95
CA ALA D 153 -20.08 -5.13 17.70
C ALA D 153 -20.53 -6.07 16.57
N ALA D 154 -19.86 -7.21 16.41
CA ALA D 154 -20.20 -8.14 15.33
C ALA D 154 -21.71 -8.53 15.26
N GLU D 155 -22.37 -8.75 16.42
CA GLU D 155 -23.81 -9.16 16.41
C GLU D 155 -24.71 -8.07 15.84
N HIS D 156 -24.38 -6.77 16.06
CA HIS D 156 -25.11 -5.61 15.50
C HIS D 156 -24.97 -5.66 13.95
N TYR D 157 -23.74 -5.87 13.45
CA TYR D 157 -23.50 -5.91 12.01
C TYR D 157 -24.10 -7.12 11.36
N LYS D 158 -24.00 -8.29 12.01
CA LYS D 158 -24.55 -9.53 11.52
C LYS D 158 -26.06 -9.36 11.37
N ALA D 159 -26.72 -8.70 12.36
CA ALA D 159 -28.18 -8.51 12.36
C ALA D 159 -28.60 -7.64 11.15
N TYR D 160 -27.81 -6.61 10.81
CA TYR D 160 -28.08 -5.76 9.65
C TYR D 160 -27.88 -6.57 8.37
N LEU D 161 -26.71 -7.25 8.24
CA LEU D 161 -26.39 -8.00 7.02
C LEU D 161 -27.36 -9.13 6.68
N GLU D 162 -27.82 -9.86 7.71
CA GLU D 162 -28.73 -11.00 7.52
C GLU D 162 -30.19 -10.61 7.37
N GLY D 163 -30.54 -9.45 7.93
CA GLY D 163 -31.91 -8.97 7.95
C GLY D 163 -32.20 -7.83 7.01
N GLU D 164 -32.07 -6.61 7.54
CA GLU D 164 -32.33 -5.35 6.84
C GLU D 164 -31.71 -5.25 5.46
N CYS D 165 -30.42 -5.60 5.36
CA CYS D 165 -29.69 -5.55 4.09
C CYS D 165 -30.38 -6.40 3.01
N VAL D 166 -30.65 -7.68 3.33
CA VAL D 166 -31.28 -8.66 2.48
C VAL D 166 -32.73 -8.25 2.11
N GLU D 167 -33.50 -7.85 3.11
CA GLU D 167 -34.89 -7.42 2.96
C GLU D 167 -35.03 -6.21 2.01
N TRP D 168 -34.26 -5.13 2.26
CA TRP D 168 -34.33 -3.93 1.42
C TRP D 168 -33.78 -4.20 0.01
N LEU D 169 -32.76 -5.06 -0.12
CA LEU D 169 -32.27 -5.43 -1.45
C LEU D 169 -33.39 -6.09 -2.28
N HIS D 170 -34.22 -6.99 -1.67
CA HIS D 170 -35.32 -7.62 -2.40
CA HIS D 170 -35.37 -7.64 -2.36
C HIS D 170 -36.31 -6.56 -2.88
N ARG D 171 -36.64 -5.57 -2.00
CA ARG D 171 -37.52 -4.47 -2.32
C ARG D 171 -37.04 -3.68 -3.52
N TYR D 172 -35.76 -3.27 -3.51
CA TYR D 172 -35.12 -2.53 -4.60
C TYR D 172 -35.10 -3.33 -5.89
N LEU D 173 -34.75 -4.61 -5.80
CA LEU D 173 -34.75 -5.50 -6.99
C LEU D 173 -36.13 -5.55 -7.63
N LYS D 174 -37.19 -5.61 -6.81
CA LYS D 174 -38.57 -5.62 -7.31
C LYS D 174 -38.98 -4.27 -7.85
N ASN D 175 -38.54 -3.16 -7.19
CA ASN D 175 -38.89 -1.82 -7.65
C ASN D 175 -38.17 -1.39 -8.92
N GLY D 176 -36.92 -1.81 -9.05
CA GLY D 176 -36.15 -1.40 -10.21
C GLY D 176 -36.10 -2.43 -11.31
N ASN D 177 -36.95 -3.49 -11.24
N ASN D 177 -37.00 -3.45 -11.24
CA ASN D 177 -36.98 -4.64 -12.14
CA ASN D 177 -37.14 -4.61 -12.13
C ASN D 177 -36.77 -4.29 -13.63
C ASN D 177 -36.83 -4.31 -13.60
N ALA D 178 -37.74 -3.60 -14.28
CA ALA D 178 -37.66 -3.18 -15.69
C ALA D 178 -36.30 -2.59 -16.12
N THR D 179 -35.78 -1.65 -15.33
CA THR D 179 -34.55 -0.92 -15.59
C THR D 179 -33.30 -1.76 -15.20
N LEU D 180 -33.36 -2.49 -14.08
CA LEU D 180 -32.26 -3.34 -13.64
C LEU D 180 -31.97 -4.51 -14.63
N LEU D 181 -32.98 -5.00 -15.38
CA LEU D 181 -32.73 -6.11 -16.30
C LEU D 181 -32.01 -5.61 -17.57
N ARG D 182 -32.12 -4.31 -17.87
CA ARG D 182 -31.62 -3.68 -19.07
C ARG D 182 -30.14 -3.94 -19.33
N THR D 183 -29.86 -4.20 -20.59
CA THR D 183 -28.52 -4.48 -21.04
C THR D 183 -28.35 -3.80 -22.38
N ASP D 184 -27.10 -3.40 -22.69
CA ASP D 184 -26.73 -2.83 -23.98
C ASP D 184 -25.59 -3.73 -24.47
N SER D 185 -25.80 -4.41 -25.60
N SER D 185 -25.80 -4.42 -25.60
CA SER D 185 -24.81 -5.32 -26.18
CA SER D 185 -24.77 -5.32 -26.14
C SER D 185 -23.65 -4.51 -26.76
C SER D 185 -23.64 -4.49 -26.73
N PRO D 186 -22.39 -4.98 -26.61
CA PRO D 186 -21.26 -4.26 -27.24
C PRO D 186 -21.38 -4.28 -28.76
N LYS D 187 -20.93 -3.21 -29.39
CA LYS D 187 -20.80 -3.10 -30.84
C LYS D 187 -19.27 -3.26 -31.00
N ALA D 188 -18.84 -4.26 -31.80
CA ALA D 188 -17.41 -4.56 -31.91
C ALA D 188 -16.85 -4.38 -33.30
N HIS D 189 -15.57 -4.05 -33.39
CA HIS D 189 -14.89 -3.91 -34.69
C HIS D 189 -13.40 -4.12 -34.46
N VAL D 190 -12.65 -4.40 -35.55
CA VAL D 190 -11.20 -4.59 -35.46
C VAL D 190 -10.56 -3.52 -36.25
N THR D 191 -9.51 -2.89 -35.68
CA THR D 191 -8.70 -1.91 -36.39
C THR D 191 -7.30 -2.48 -36.58
N HIS D 192 -6.57 -1.97 -37.56
CA HIS D 192 -5.25 -2.43 -38.02
C HIS D 192 -4.28 -1.25 -37.94
N HIS D 193 -3.16 -1.44 -37.25
CA HIS D 193 -2.21 -0.37 -36.94
C HIS D 193 -0.76 -0.68 -37.34
N PRO D 194 -0.22 0.05 -38.35
CA PRO D 194 1.18 -0.20 -38.75
C PRO D 194 2.16 0.10 -37.64
N ARG D 195 3.22 -0.69 -37.61
CA ARG D 195 4.34 -0.58 -36.67
C ARG D 195 5.65 -0.27 -37.45
N SER D 196 6.78 -0.36 -36.80
CA SER D 196 8.07 -0.08 -37.43
C SER D 196 8.76 -1.26 -38.17
N LYS D 197 8.44 -2.59 -37.86
CA LYS D 197 9.19 -3.77 -38.40
C LYS D 197 8.47 -5.15 -38.67
N GLY D 198 7.89 -5.35 -39.85
CA GLY D 198 7.26 -6.62 -40.22
C GLY D 198 6.10 -7.14 -39.36
N GLU D 199 5.67 -6.34 -38.37
CA GLU D 199 4.57 -6.69 -37.48
C GLU D 199 3.48 -5.62 -37.52
N VAL D 200 2.24 -5.97 -37.19
CA VAL D 200 1.11 -5.04 -37.19
C VAL D 200 0.30 -5.21 -35.89
N THR D 201 -0.27 -4.12 -35.33
CA THR D 201 -1.13 -4.28 -34.16
C THR D 201 -2.58 -4.45 -34.62
N LEU D 202 -3.27 -5.48 -34.11
CA LEU D 202 -4.72 -5.64 -34.36
C LEU D 202 -5.42 -5.26 -33.06
N ARG D 203 -6.35 -4.30 -33.10
CA ARG D 203 -7.05 -3.82 -31.89
C ARG D 203 -8.53 -4.18 -32.02
N CYS D 204 -9.04 -4.96 -31.07
CA CYS D 204 -10.46 -5.36 -31.10
C CYS D 204 -11.16 -4.47 -30.09
N TRP D 205 -12.17 -3.76 -30.56
CA TRP D 205 -12.92 -2.79 -29.78
C TRP D 205 -14.28 -3.32 -29.39
N ALA D 206 -14.74 -3.04 -28.19
CA ALA D 206 -16.11 -3.34 -27.76
C ALA D 206 -16.62 -2.03 -27.21
N LEU D 207 -17.65 -1.48 -27.85
CA LEU D 207 -18.16 -0.14 -27.49
C LEU D 207 -19.64 -0.13 -27.17
N GLY D 208 -20.06 0.81 -26.33
CA GLY D 208 -21.47 1.02 -25.98
C GLY D 208 -22.17 -0.06 -25.21
N PHE D 209 -21.43 -0.80 -24.37
CA PHE D 209 -22.04 -1.89 -23.63
C PHE D 209 -22.40 -1.53 -22.20
N TYR D 210 -23.33 -2.26 -21.64
CA TYR D 210 -23.77 -2.07 -20.27
C TYR D 210 -24.43 -3.36 -19.81
N PRO D 211 -24.09 -3.93 -18.63
CA PRO D 211 -23.18 -3.43 -17.58
C PRO D 211 -21.69 -3.54 -17.98
N ALA D 212 -20.78 -3.02 -17.11
CA ALA D 212 -19.36 -2.95 -17.38
C ALA D 212 -18.64 -4.28 -17.58
N ASP D 213 -19.15 -5.37 -16.96
CA ASP D 213 -18.44 -6.65 -17.05
C ASP D 213 -18.42 -7.17 -18.48
N ILE D 214 -17.24 -7.53 -18.97
CA ILE D 214 -16.99 -8.02 -20.34
C ILE D 214 -15.71 -8.82 -20.36
N THR D 215 -15.59 -9.68 -21.38
CA THR D 215 -14.37 -10.41 -21.65
C THR D 215 -14.08 -10.29 -23.13
N LEU D 216 -12.86 -9.90 -23.47
CA LEU D 216 -12.35 -9.78 -24.84
C LEU D 216 -11.18 -10.76 -24.92
N THR D 217 -11.21 -11.60 -25.93
CA THR D 217 -10.13 -12.59 -26.09
C THR D 217 -9.70 -12.60 -27.56
N TRP D 218 -8.43 -12.87 -27.80
CA TRP D 218 -7.89 -13.00 -29.14
C TRP D 218 -7.48 -14.48 -29.25
N GLN D 219 -7.75 -15.11 -30.39
CA GLN D 219 -7.38 -16.51 -30.68
C GLN D 219 -6.55 -16.56 -31.95
N LEU D 220 -5.56 -17.45 -32.01
CA LEU D 220 -4.70 -17.54 -33.19
C LEU D 220 -5.35 -18.52 -34.18
N ASN D 221 -5.21 -19.83 -33.95
CA ASN D 221 -5.86 -20.77 -34.87
C ASN D 221 -6.80 -21.69 -34.08
N GLY D 222 -7.43 -21.11 -33.06
CA GLY D 222 -8.37 -21.81 -32.17
C GLY D 222 -8.04 -21.72 -30.69
N GLU D 223 -6.84 -21.21 -30.34
CA GLU D 223 -6.44 -21.08 -28.94
C GLU D 223 -6.18 -19.64 -28.52
N GLU D 224 -6.51 -19.33 -27.25
CA GLU D 224 -6.38 -18.00 -26.62
C GLU D 224 -4.93 -17.56 -26.53
N LEU D 225 -4.72 -16.26 -26.70
CA LEU D 225 -3.41 -15.62 -26.64
C LEU D 225 -3.36 -14.79 -25.34
N THR D 226 -3.55 -15.49 -24.20
CA THR D 226 -3.61 -14.97 -22.82
C THR D 226 -2.40 -14.07 -22.46
N GLN D 227 -1.18 -14.62 -22.56
CA GLN D 227 0.08 -13.95 -22.20
C GLN D 227 0.55 -12.85 -23.18
N ASP D 228 0.11 -12.90 -24.46
CA ASP D 228 0.54 -11.94 -25.48
C ASP D 228 -0.33 -10.67 -25.59
N MET D 229 -1.62 -10.79 -25.29
CA MET D 229 -2.64 -9.72 -25.42
C MET D 229 -2.37 -8.48 -24.54
N GLU D 230 -2.68 -7.29 -25.06
CA GLU D 230 -2.61 -6.01 -24.32
C GLU D 230 -4.09 -5.60 -24.09
N LEU D 231 -4.52 -5.40 -22.83
CA LEU D 231 -5.92 -5.04 -22.52
C LEU D 231 -5.94 -3.68 -21.84
N VAL D 232 -6.86 -2.78 -22.24
CA VAL D 232 -7.01 -1.55 -21.47
C VAL D 232 -8.07 -1.82 -20.42
N GLU D 233 -8.02 -1.04 -19.33
CA GLU D 233 -9.03 -1.20 -18.30
C GLU D 233 -10.35 -0.70 -18.91
N THR D 234 -11.47 -1.29 -18.50
CA THR D 234 -12.81 -0.91 -18.97
C THR D 234 -13.02 0.50 -18.52
N ARG D 235 -13.58 1.28 -19.41
CA ARG D 235 -13.69 2.74 -19.16
C ARG D 235 -15.07 3.24 -19.54
N PRO D 236 -15.58 4.26 -18.79
CA PRO D 236 -16.91 4.82 -19.12
C PRO D 236 -16.93 5.66 -20.39
N ALA D 237 -17.95 5.51 -21.24
CA ALA D 237 -18.07 6.33 -22.46
C ALA D 237 -18.55 7.77 -22.10
N GLY D 238 -19.24 7.90 -20.96
CA GLY D 238 -19.78 9.17 -20.45
C GLY D 238 -21.29 9.25 -20.60
N ASP D 239 -21.89 8.28 -21.32
CA ASP D 239 -23.33 8.21 -21.56
C ASP D 239 -24.04 7.08 -20.79
N GLY D 240 -23.30 6.47 -19.85
CA GLY D 240 -23.81 5.38 -19.05
C GLY D 240 -23.33 4.02 -19.54
N THR D 241 -22.72 3.97 -20.74
CA THR D 241 -22.17 2.72 -21.29
C THR D 241 -20.62 2.70 -21.14
N PHE D 242 -20.01 1.58 -21.53
CA PHE D 242 -18.59 1.36 -21.31
C PHE D 242 -17.89 0.95 -22.59
N GLN D 243 -16.57 1.02 -22.54
CA GLN D 243 -15.72 0.67 -23.67
C GLN D 243 -14.57 -0.19 -23.16
N LYS D 244 -14.04 -0.98 -24.07
CA LYS D 244 -12.82 -1.74 -23.78
C LYS D 244 -12.19 -2.13 -25.11
N TRP D 245 -10.86 -2.32 -25.12
CA TRP D 245 -10.18 -2.89 -26.27
C TRP D 245 -9.11 -3.86 -25.84
N ALA D 246 -8.79 -4.77 -26.75
CA ALA D 246 -7.71 -5.76 -26.57
C ALA D 246 -6.90 -5.80 -27.85
N SER D 247 -5.56 -5.76 -27.74
CA SER D 247 -4.77 -5.83 -28.97
C SER D 247 -3.80 -7.01 -28.95
N VAL D 248 -3.32 -7.34 -30.13
CA VAL D 248 -2.34 -8.40 -30.31
C VAL D 248 -1.34 -7.91 -31.38
N VAL D 249 -0.06 -8.29 -31.25
CA VAL D 249 0.96 -7.94 -32.24
C VAL D 249 1.19 -9.20 -33.07
N VAL D 250 0.92 -9.08 -34.36
CA VAL D 250 0.95 -10.24 -35.28
C VAL D 250 1.86 -9.97 -36.47
N PRO D 251 2.41 -11.01 -37.14
CA PRO D 251 3.24 -10.73 -38.32
C PRO D 251 2.37 -10.25 -39.47
N LEU D 252 2.91 -9.34 -40.30
CA LEU D 252 2.23 -8.86 -41.50
C LEU D 252 1.95 -10.05 -42.46
N GLY D 253 0.76 -10.04 -43.07
CA GLY D 253 0.30 -11.09 -43.98
C GLY D 253 -0.52 -12.17 -43.30
N LYS D 254 -0.44 -12.23 -41.96
CA LYS D 254 -1.11 -13.27 -41.18
C LYS D 254 -2.26 -12.75 -40.27
N GLU D 255 -2.81 -11.57 -40.56
CA GLU D 255 -3.87 -10.94 -39.75
C GLU D 255 -5.21 -11.62 -39.85
N GLN D 256 -5.54 -12.21 -41.04
CA GLN D 256 -6.79 -12.96 -41.24
C GLN D 256 -6.82 -14.26 -40.41
N ASN D 257 -5.69 -14.67 -39.83
CA ASN D 257 -5.58 -15.89 -39.01
C ASN D 257 -6.04 -15.71 -37.58
N TYR D 258 -6.12 -14.45 -37.11
CA TYR D 258 -6.47 -14.17 -35.72
C TYR D 258 -7.93 -13.78 -35.63
N THR D 259 -8.56 -14.11 -34.53
CA THR D 259 -9.98 -13.77 -34.36
C THR D 259 -10.19 -13.24 -32.95
N CYS D 260 -11.08 -12.25 -32.83
CA CYS D 260 -11.41 -11.66 -31.53
C CYS D 260 -12.77 -12.18 -31.12
N ARG D 261 -12.94 -12.52 -29.84
CA ARG D 261 -14.22 -12.96 -29.29
C ARG D 261 -14.66 -12.02 -28.17
N VAL D 262 -15.95 -11.65 -28.17
CA VAL D 262 -16.48 -10.70 -27.17
C VAL D 262 -17.58 -11.40 -26.41
N TYR D 263 -17.42 -11.51 -25.06
CA TYR D 263 -18.41 -12.16 -24.18
C TYR D 263 -19.07 -11.08 -23.33
N HIS D 264 -20.38 -10.99 -23.39
CA HIS D 264 -21.07 -9.96 -22.60
C HIS D 264 -22.48 -10.48 -22.28
N GLU D 265 -23.00 -10.19 -21.06
CA GLU D 265 -24.32 -10.70 -20.67
C GLU D 265 -25.45 -10.26 -21.58
N GLY D 266 -25.25 -9.17 -22.31
CA GLY D 266 -26.23 -8.66 -23.27
C GLY D 266 -26.30 -9.45 -24.55
N LEU D 267 -25.28 -10.28 -24.81
CA LEU D 267 -25.16 -11.11 -26.00
C LEU D 267 -25.70 -12.56 -25.76
N PRO D 268 -26.78 -12.99 -26.44
CA PRO D 268 -27.23 -14.41 -26.30
C PRO D 268 -26.16 -15.40 -26.76
N GLU D 269 -25.21 -14.96 -27.62
CA GLU D 269 -24.05 -15.75 -28.06
C GLU D 269 -22.84 -14.81 -28.26
N PRO D 270 -21.60 -15.25 -27.96
CA PRO D 270 -20.45 -14.33 -28.12
C PRO D 270 -20.22 -13.88 -29.56
N LEU D 271 -19.71 -12.65 -29.74
CA LEU D 271 -19.39 -12.16 -31.06
C LEU D 271 -18.03 -12.71 -31.42
N THR D 272 -17.83 -13.04 -32.70
CA THR D 272 -16.52 -13.49 -33.18
C THR D 272 -16.26 -12.61 -34.40
N LEU D 273 -15.09 -12.01 -34.47
CA LEU D 273 -14.79 -11.11 -35.58
C LEU D 273 -13.32 -11.15 -35.89
N ARG D 274 -12.95 -10.58 -37.00
CA ARG D 274 -11.55 -10.55 -37.48
C ARG D 274 -11.32 -9.25 -38.23
N TRP D 275 -10.05 -8.95 -38.53
CA TRP D 275 -9.78 -7.80 -39.36
C TRP D 275 -10.18 -8.17 -40.77
N GLU D 276 -10.89 -7.27 -41.41
CA GLU D 276 -11.32 -7.42 -42.80
C GLU D 276 -10.74 -6.25 -43.57
N PRO D 277 -9.86 -6.54 -44.56
CA PRO D 277 -9.27 -5.46 -45.37
C PRO D 277 -10.33 -4.63 -46.09
N PRO D 278 -10.13 -3.29 -46.26
CA PRO D 278 -11.11 -2.47 -47.00
C PRO D 278 -11.30 -2.92 -48.44
N SER D 279 -12.52 -2.75 -48.99
CA SER D 279 -12.91 -3.11 -50.36
C SER D 279 -14.24 -2.45 -50.75
N MET E 1 8.57 6.09 -1.35
CA MET E 1 8.05 5.19 -2.37
C MET E 1 7.03 5.89 -3.24
N ILE E 2 6.94 5.51 -4.51
CA ILE E 2 5.97 6.09 -5.43
C ILE E 2 4.81 5.08 -5.52
N GLN E 3 3.59 5.47 -5.10
CA GLN E 3 2.42 4.59 -5.13
C GLN E 3 1.09 5.34 -5.19
N ARG E 4 0.01 4.62 -5.56
CA ARG E 4 -1.38 5.12 -5.60
C ARG E 4 -1.53 6.29 -6.53
N THR E 5 -0.69 6.30 -7.54
CA THR E 5 -0.69 7.32 -8.58
C THR E 5 -1.89 7.08 -9.49
N PRO E 6 -2.46 8.15 -10.06
CA PRO E 6 -3.59 7.92 -10.97
C PRO E 6 -3.25 7.23 -12.29
N LYS E 7 -4.10 6.27 -12.70
CA LYS E 7 -4.11 5.67 -14.03
C LYS E 7 -4.91 6.69 -14.85
N ILE E 8 -4.50 6.89 -16.08
CA ILE E 8 -5.16 7.87 -16.94
C ILE E 8 -5.45 7.29 -18.31
N GLN E 9 -6.68 7.44 -18.79
CA GLN E 9 -7.02 7.11 -20.17
C GLN E 9 -7.67 8.32 -20.79
N VAL E 10 -7.24 8.67 -22.01
CA VAL E 10 -7.85 9.84 -22.73
C VAL E 10 -8.40 9.28 -24.03
N TYR E 11 -9.70 9.55 -24.32
CA TYR E 11 -10.36 8.92 -25.43
C TYR E 11 -11.65 9.61 -25.75
N SER E 12 -12.17 9.31 -26.94
CA SER E 12 -13.42 9.94 -27.35
C SER E 12 -14.54 9.00 -27.03
N ARG E 13 -15.76 9.53 -26.85
CA ARG E 13 -16.91 8.67 -26.61
C ARG E 13 -17.24 7.78 -27.82
N HIS E 14 -17.12 8.35 -29.04
CA HIS E 14 -17.40 7.62 -30.27
C HIS E 14 -16.15 7.54 -31.12
N PRO E 15 -16.00 6.54 -32.04
CA PRO E 15 -14.78 6.52 -32.88
C PRO E 15 -14.72 7.87 -33.60
N ALA E 16 -13.59 8.53 -33.52
CA ALA E 16 -13.39 9.88 -34.07
C ALA E 16 -13.53 9.93 -35.58
N GLU E 17 -14.19 10.97 -36.05
CA GLU E 17 -14.28 11.26 -37.49
C GLU E 17 -14.15 12.77 -37.55
N ASN E 18 -13.15 13.25 -38.28
CA ASN E 18 -12.89 14.70 -38.42
C ASN E 18 -14.14 15.46 -38.87
N GLY E 19 -14.48 16.52 -38.10
CA GLY E 19 -15.66 17.32 -38.35
C GLY E 19 -16.96 16.84 -37.75
N LYS E 20 -16.97 15.67 -37.04
CA LYS E 20 -18.21 15.18 -36.44
C LYS E 20 -18.16 15.37 -34.94
N SER E 21 -19.16 16.05 -34.36
N SER E 21 -19.16 16.03 -34.38
CA SER E 21 -19.23 16.34 -32.92
CA SER E 21 -19.22 16.31 -32.93
C SER E 21 -19.16 15.06 -32.09
C SER E 21 -19.12 15.03 -32.12
N ASN E 22 -18.42 15.10 -30.99
CA ASN E 22 -18.12 13.94 -30.15
C ASN E 22 -17.88 14.43 -28.72
N PHE E 23 -17.25 13.59 -27.88
CA PHE E 23 -16.92 13.93 -26.51
C PHE E 23 -15.56 13.41 -26.23
N LEU E 24 -14.74 14.24 -25.61
CA LEU E 24 -13.39 13.93 -25.20
C LEU E 24 -13.46 13.61 -23.70
N ASN E 25 -12.95 12.45 -23.32
CA ASN E 25 -12.96 11.91 -21.96
C ASN E 25 -11.60 11.73 -21.43
N CYS E 26 -11.44 12.03 -20.15
CA CYS E 26 -10.24 11.74 -19.39
C CYS E 26 -10.70 10.98 -18.15
N TYR E 27 -10.42 9.67 -18.13
CA TYR E 27 -10.82 8.79 -17.05
C TYR E 27 -9.61 8.63 -16.16
N VAL E 28 -9.77 9.00 -14.91
CA VAL E 28 -8.71 8.94 -13.95
C VAL E 28 -9.11 7.95 -12.85
N SER E 29 -8.24 6.96 -12.56
CA SER E 29 -8.64 5.92 -11.61
C SER E 29 -7.45 5.37 -10.85
N GLY E 30 -7.74 4.53 -9.86
CA GLY E 30 -6.70 3.87 -9.06
C GLY E 30 -5.86 4.76 -8.18
N PHE E 31 -6.33 5.97 -7.86
CA PHE E 31 -5.54 6.92 -7.08
C PHE E 31 -6.02 7.07 -5.64
N HIS E 32 -5.14 7.55 -4.80
CA HIS E 32 -5.42 7.73 -3.39
C HIS E 32 -4.28 8.63 -2.87
N PRO E 33 -4.58 9.77 -2.18
CA PRO E 33 -5.90 10.24 -1.71
C PRO E 33 -6.81 10.75 -2.82
N SER E 34 -8.08 11.10 -2.46
CA SER E 34 -9.11 11.54 -3.39
C SER E 34 -8.88 12.90 -4.07
N ASP E 35 -8.11 13.82 -3.44
CA ASP E 35 -7.90 15.15 -4.07
C ASP E 35 -7.06 14.99 -5.33
N ILE E 36 -7.55 15.57 -6.41
CA ILE E 36 -6.93 15.49 -7.74
C ILE E 36 -7.42 16.67 -8.57
N GLU E 37 -6.54 17.16 -9.42
CA GLU E 37 -6.88 18.25 -10.33
C GLU E 37 -6.67 17.72 -11.73
N VAL E 38 -7.66 17.89 -12.60
CA VAL E 38 -7.60 17.39 -13.96
C VAL E 38 -7.98 18.53 -14.91
N ASP E 39 -7.16 18.76 -15.94
CA ASP E 39 -7.49 19.73 -17.00
C ASP E 39 -7.52 19.01 -18.36
N LEU E 40 -8.44 19.40 -19.26
CA LEU E 40 -8.42 18.91 -20.64
C LEU E 40 -7.75 20.07 -21.40
N LEU E 41 -6.88 19.77 -22.36
CA LEU E 41 -6.11 20.79 -23.09
C LEU E 41 -6.35 20.68 -24.58
N LYS E 42 -6.36 21.83 -25.26
CA LYS E 42 -6.50 21.91 -26.71
C LYS E 42 -5.28 22.69 -27.19
N ASN E 43 -4.39 22.02 -27.92
CA ASN E 43 -3.11 22.62 -28.35
C ASN E 43 -2.30 23.20 -27.17
N GLY E 44 -2.26 22.45 -26.07
CA GLY E 44 -1.54 22.82 -24.86
C GLY E 44 -2.16 23.87 -23.97
N GLU E 45 -3.36 24.34 -24.30
CA GLU E 45 -4.05 25.36 -23.52
C GLU E 45 -5.29 24.80 -22.82
N ARG E 46 -5.50 25.20 -21.55
CA ARG E 46 -6.63 24.72 -20.75
C ARG E 46 -8.00 25.02 -21.38
N ILE E 47 -8.84 23.98 -21.49
CA ILE E 47 -10.23 24.07 -21.95
C ILE E 47 -10.99 24.46 -20.71
N GLU E 48 -11.73 25.58 -20.77
CA GLU E 48 -12.39 26.13 -19.60
C GLU E 48 -13.71 25.43 -19.23
N LYS E 49 -14.48 24.92 -20.22
CA LYS E 49 -15.76 24.25 -19.94
C LYS E 49 -15.57 22.73 -19.98
N VAL E 50 -15.32 22.14 -18.81
CA VAL E 50 -15.09 20.71 -18.63
C VAL E 50 -15.99 20.22 -17.48
N GLU E 51 -16.77 19.16 -17.71
CA GLU E 51 -17.68 18.59 -16.71
C GLU E 51 -17.02 17.37 -16.07
N HIS E 52 -17.49 16.94 -14.88
CA HIS E 52 -16.95 15.71 -14.27
C HIS E 52 -17.99 14.95 -13.51
N SER E 53 -17.75 13.63 -13.36
CA SER E 53 -18.62 12.74 -12.61
C SER E 53 -18.39 13.00 -11.11
N ASP E 54 -19.24 12.42 -10.27
CA ASP E 54 -19.11 12.53 -8.82
C ASP E 54 -18.11 11.50 -8.35
N LEU E 55 -17.40 11.78 -7.27
CA LEU E 55 -16.36 10.89 -6.75
C LEU E 55 -16.87 9.49 -6.38
N SER E 56 -16.12 8.46 -6.79
CA SER E 56 -16.48 7.12 -6.41
C SER E 56 -15.22 6.42 -6.00
N PHE E 57 -15.35 5.24 -5.39
CA PHE E 57 -14.17 4.41 -5.17
C PHE E 57 -14.44 2.93 -5.50
N SER E 58 -13.37 2.19 -5.79
CA SER E 58 -13.39 0.77 -6.19
C SER E 58 -13.12 -0.15 -4.97
N LYS E 59 -13.32 -1.48 -5.16
CA LYS E 59 -13.16 -2.48 -4.09
C LYS E 59 -11.74 -2.55 -3.51
N ASP E 60 -10.74 -1.99 -4.21
CA ASP E 60 -9.37 -1.92 -3.72
C ASP E 60 -9.14 -0.58 -2.98
N TRP E 61 -10.22 0.18 -2.75
CA TRP E 61 -10.24 1.47 -2.01
C TRP E 61 -9.82 2.70 -2.82
N SER E 62 -9.28 2.50 -4.04
CA SER E 62 -8.81 3.64 -4.82
C SER E 62 -9.97 4.43 -5.46
N PHE E 63 -9.75 5.70 -5.72
CA PHE E 63 -10.79 6.57 -6.28
C PHE E 63 -10.78 6.63 -7.80
N TYR E 64 -11.92 7.00 -8.40
CA TYR E 64 -12.02 7.17 -9.84
C TYR E 64 -13.04 8.28 -10.16
N LEU E 65 -12.75 9.00 -11.24
CA LEU E 65 -13.56 10.10 -11.78
C LEU E 65 -13.43 10.12 -13.29
N LEU E 66 -14.44 10.69 -13.94
CA LEU E 66 -14.41 10.97 -15.39
C LEU E 66 -14.54 12.48 -15.60
N TYR E 67 -13.63 13.08 -16.41
CA TYR E 67 -13.71 14.51 -16.82
C TYR E 67 -14.01 14.47 -18.31
N TYR E 68 -14.87 15.35 -18.81
CA TYR E 68 -15.22 15.26 -20.22
C TYR E 68 -15.68 16.60 -20.77
N THR E 69 -15.60 16.75 -22.08
CA THR E 69 -16.07 17.98 -22.73
C THR E 69 -16.58 17.62 -24.13
N GLU E 70 -17.53 18.40 -24.68
CA GLU E 70 -17.96 18.20 -26.06
C GLU E 70 -16.83 18.72 -26.93
N PHE E 71 -16.53 18.05 -28.05
CA PHE E 71 -15.50 18.53 -28.98
C PHE E 71 -15.77 17.99 -30.36
N THR E 72 -15.13 18.57 -31.37
CA THR E 72 -15.22 18.08 -32.72
C THR E 72 -13.77 17.78 -33.12
N PRO E 73 -13.42 16.48 -33.27
CA PRO E 73 -12.05 16.14 -33.70
C PRO E 73 -11.69 16.76 -35.06
N THR E 74 -10.44 17.17 -35.21
CA THR E 74 -9.93 17.75 -36.47
C THR E 74 -8.59 17.09 -36.75
N GLU E 75 -8.02 17.25 -37.95
CA GLU E 75 -6.75 16.58 -38.21
C GLU E 75 -5.56 17.28 -37.52
N LYS E 76 -5.67 18.57 -37.22
CA LYS E 76 -4.57 19.36 -36.66
C LYS E 76 -4.65 19.68 -35.18
N ASP E 77 -5.86 19.75 -34.59
CA ASP E 77 -5.94 20.09 -33.17
C ASP E 77 -5.51 18.92 -32.29
N GLU E 78 -4.54 19.18 -31.41
CA GLU E 78 -4.02 18.22 -30.46
C GLU E 78 -4.83 18.33 -29.15
N TYR E 79 -5.30 17.20 -28.62
CA TYR E 79 -6.01 17.25 -27.34
C TYR E 79 -5.27 16.43 -26.34
N ALA E 80 -5.38 16.77 -25.05
CA ALA E 80 -4.68 16.04 -24.00
C ALA E 80 -5.38 16.22 -22.69
N CYS E 81 -4.97 15.48 -21.67
CA CYS E 81 -5.45 15.77 -20.34
C CYS E 81 -4.29 15.78 -19.39
N ARG E 82 -4.27 16.80 -18.52
CA ARG E 82 -3.18 17.05 -17.58
C ARG E 82 -3.70 16.78 -16.18
N VAL E 83 -3.06 15.84 -15.47
CA VAL E 83 -3.52 15.45 -14.15
C VAL E 83 -2.50 15.84 -13.11
N ASN E 84 -2.96 16.35 -11.98
CA ASN E 84 -2.07 16.65 -10.88
C ASN E 84 -2.57 15.95 -9.64
N HIS E 85 -1.65 15.32 -8.94
CA HIS E 85 -1.97 14.55 -7.74
C HIS E 85 -0.77 14.62 -6.84
N VAL E 86 -0.95 14.46 -5.54
CA VAL E 86 0.15 14.53 -4.55
C VAL E 86 1.27 13.53 -4.85
N THR E 87 0.94 12.42 -5.52
CA THR E 87 1.90 11.35 -5.78
C THR E 87 2.82 11.67 -6.94
N LEU E 88 2.53 12.74 -7.71
CA LEU E 88 3.30 13.04 -8.93
C LEU E 88 4.30 14.18 -8.69
N SER E 89 5.48 14.06 -9.32
CA SER E 89 6.56 15.06 -9.24
C SER E 89 6.23 16.27 -10.09
N GLN E 90 5.48 16.04 -11.15
CA GLN E 90 4.99 17.07 -12.02
C GLN E 90 3.65 16.61 -12.59
N PRO E 91 2.76 17.53 -13.00
CA PRO E 91 1.50 17.09 -13.63
C PRO E 91 1.75 16.10 -14.76
N LYS E 92 0.91 15.08 -14.88
CA LYS E 92 1.10 14.12 -15.94
C LYS E 92 0.21 14.53 -17.13
N ILE E 93 0.81 14.71 -18.32
CA ILE E 93 0.07 15.08 -19.52
C ILE E 93 -0.02 13.86 -20.43
N VAL E 94 -1.24 13.43 -20.76
CA VAL E 94 -1.49 12.29 -21.65
C VAL E 94 -2.21 12.82 -22.89
N LYS E 95 -1.59 12.68 -24.05
CA LYS E 95 -2.22 13.16 -25.31
C LYS E 95 -3.32 12.20 -25.79
N TRP E 96 -4.35 12.76 -26.40
CA TRP E 96 -5.40 11.95 -26.99
C TRP E 96 -4.89 11.34 -28.31
N ASP E 97 -5.01 10.02 -28.41
CA ASP E 97 -4.65 9.28 -29.61
C ASP E 97 -5.96 8.61 -30.00
N ARG E 98 -6.56 9.04 -31.15
CA ARG E 98 -7.85 8.52 -31.59
C ARG E 98 -7.89 7.02 -31.82
N ASP E 99 -6.70 6.38 -31.94
CA ASP E 99 -6.59 4.94 -32.16
C ASP E 99 -6.53 4.14 -30.84
N MET E 100 -6.66 4.80 -29.68
CA MET E 100 -6.54 4.15 -28.37
C MET E 100 -7.70 4.46 -27.38
N SER F 1 -30.98 0.25 1.96
CA SER F 1 -31.15 0.87 3.27
C SER F 1 -29.77 0.87 3.92
N SER F 2 -29.22 2.06 4.16
CA SER F 2 -27.86 2.19 4.65
C SER F 2 -27.69 1.64 6.07
N LEU F 3 -26.49 1.31 6.38
CA LEU F 3 -26.13 0.77 7.66
C LEU F 3 -25.85 1.91 8.66
N CYS F 4 -26.33 1.75 9.91
CA CYS F 4 -25.98 2.63 11.02
C CYS F 4 -24.90 1.85 11.72
N ASN F 5 -23.70 2.42 11.83
CA ASN F 5 -22.64 1.69 12.52
C ASN F 5 -22.94 1.52 13.98
N PHE F 6 -22.37 0.45 14.56
CA PHE F 6 -22.51 0.16 15.98
C PHE F 6 -21.93 1.34 16.80
N ARG F 7 -22.48 1.56 18.04
CA ARG F 7 -22.05 2.66 18.94
C ARG F 7 -20.52 2.68 19.20
N ALA F 8 -19.82 1.53 19.08
CA ALA F 8 -18.35 1.52 19.27
C ALA F 8 -17.66 2.09 18.02
N TYR F 9 -16.85 3.13 18.22
CA TYR F 9 -16.08 3.76 17.13
C TYR F 9 -14.81 2.93 16.89
N VAL F 10 -14.04 3.29 15.86
CA VAL F 10 -12.75 2.65 15.59
C VAL F 10 -11.84 2.90 16.86
NA NA G . 16.39 -19.85 -7.71
NA NA H . 35.90 4.08 -7.34
NA NA I . 11.81 -5.45 5.38
NA NA J . 13.66 -2.57 34.22
NA NA K . 33.17 -8.95 -5.37
NA NA L . 20.91 -12.91 16.62
C ACT M . 16.67 -2.73 28.74
O ACT M . 17.27 -2.10 27.80
OXT ACT M . 16.49 -2.31 29.91
CH3 ACT M . 16.16 -4.16 28.48
C ACT N . 28.04 -12.52 36.20
O ACT N . 28.51 -11.35 36.06
OXT ACT N . 28.73 -13.54 36.51
CH3 ACT N . 26.51 -12.72 35.96
NA NA O . 36.88 -1.74 27.38
NA NA P . 37.77 2.47 32.10
NA NA Q . -33.48 13.91 8.09
C ACT R . -13.10 5.44 -28.97
O ACT R . -12.60 5.29 -30.12
OXT ACT R . -12.47 5.88 -27.93
CH3 ACT R . -14.59 5.08 -28.89
NA NA S . -6.04 -3.42 -6.92
NA NA T . 3.60 18.30 -16.87
#